data_3MIA
#
_entry.id   3MIA
#
_cell.length_a   134.286
_cell.length_b   134.286
_cell.length_c   97.185
_cell.angle_alpha   90.00
_cell.angle_beta   90.00
_cell.angle_gamma   120.00
#
_symmetry.space_group_name_H-M   'P 32 2 1'
#
loop_
_entity.id
_entity.type
_entity.pdbx_description
1 polymer 'Cell division protein kinase 9'
2 polymer Cyclin-T1
3 polymer 'Protein Tat'
4 non-polymer 'PHOSPHOAMINOPHOSPHONIC ACID-ADENYLATE ESTER'
5 non-polymer 'MAGNESIUM ION'
6 non-polymer 'ZINC ION'
7 water water
#
loop_
_entity_poly.entity_id
_entity_poly.type
_entity_poly.pdbx_seq_one_letter_code
_entity_poly.pdbx_strand_id
1 'polypeptide(L)'
;MAKQYDSVECPFCDEVSKYEKLAKIGQGTFGEVFKARHRKTGQKVALKKVLMENEKEGFPITALREIKILQLLKHENVVN
LIEICRTKASPYNRCKGSIYLVFDFCEHDLAGLLSNVLVKFTLSEIKRVMQMLLNGLYYIHRNKILHRDMKAANVLITRD
GVLKLADFGLARAFSLAKNSQPNRY(TPO)NRVVTLWYRPPELLLGERDYGPPIDLWGAGCIMAEMWTRSPIMQGNTEQH
QLALISQLCGSITPEVWPNVDNYELYEKLELVKGQKRKVKDRLKAYVRDPYALDLIDKLLVLDPAQRIDSDDALNHDFFW
SDPMPSDLKGMLSTHLTSMFEYLAPPRRKHHHHHH
;
A
2 'polypeptide(L)'
;MEGERKNNNKRWYFTREQLENSPSRRFGVDPDKELSYRQQAANLLQDMGQRLNVSQLTINTAIVYMHRFYMIQSFTQFPG
NSVAPAALFLAAKVEEQPKKLEHVIKVAHTCLHPQESLPDTRSEAYLQQVQDLVILESIILQTLGFELTIDHPHTHVVKC
TQLVRASKDLAQTSYFMATNSLHLTTFSLQYTPPVVACVCIHLACKWSNWEIPVSTDGKHWWEYVDATVTLELLDELTHE
FLQILEKTPNRLKRIWNWRACEAAKK
;
B
3 'polypeptide(L)'
;MEPVDPRLEPWKHPGSQPKTACTNCYCKKCCFHCQVCFITKALGISYGRKKRRQRRRAHQNSQTHQASLSKQPTSQSRGD
PTGPKE
;
C
#
loop_
_chem_comp.id
_chem_comp.type
_chem_comp.name
_chem_comp.formula
ANP non-polymer 'PHOSPHOAMINOPHOSPHONIC ACID-ADENYLATE ESTER' 'C10 H17 N6 O12 P3'
MG non-polymer 'MAGNESIUM ION' 'Mg 2'
ZN non-polymer 'ZINC ION' 'Zn 2'
#
# COMPACT_ATOMS: atom_id res chain seq x y z
N VAL A 8 -7.70 20.97 17.51
CA VAL A 8 -6.41 20.25 17.27
C VAL A 8 -5.82 20.70 15.93
N GLU A 9 -4.50 20.77 15.86
CA GLU A 9 -3.84 21.19 14.63
C GLU A 9 -3.90 20.11 13.56
N CYS A 10 -4.07 20.57 12.32
CA CYS A 10 -4.20 19.69 11.17
C CYS A 10 -3.87 20.45 9.89
N PRO A 11 -2.58 20.76 9.69
CA PRO A 11 -2.12 21.50 8.51
C PRO A 11 -2.20 20.71 7.22
N PHE A 12 -2.16 19.39 7.33
CA PHE A 12 -2.19 18.54 6.14
C PHE A 12 -3.44 17.70 5.86
N CYS A 13 -4.60 18.13 6.35
CA CYS A 13 -5.82 17.38 6.09
C CYS A 13 -6.94 18.38 6.11
N ASP A 14 -7.19 19.00 4.97
CA ASP A 14 -8.22 20.02 4.86
C ASP A 14 -9.65 19.62 5.10
N GLU A 15 -10.47 20.58 5.49
CA GLU A 15 -11.88 20.32 5.70
C GLU A 15 -12.51 20.19 4.31
N VAL A 16 -13.50 19.32 4.20
CA VAL A 16 -14.14 19.10 2.93
C VAL A 16 -14.99 20.29 2.50
N SER A 17 -15.02 21.34 3.32
CA SER A 17 -15.83 22.53 3.02
C SER A 17 -15.28 23.30 1.82
N LYS A 18 -14.01 23.10 1.51
CA LYS A 18 -13.44 23.81 0.37
C LYS A 18 -14.22 23.38 -0.85
N TYR A 19 -14.85 22.21 -0.77
CA TYR A 19 -15.63 21.67 -1.88
C TYR A 19 -17.12 21.83 -1.58
N GLU A 20 -17.89 22.17 -2.60
CA GLU A 20 -19.32 22.34 -2.42
C GLU A 20 -20.00 21.17 -3.12
N LYS A 21 -20.79 20.39 -2.38
CA LYS A 21 -21.48 19.22 -2.91
C LYS A 21 -22.51 19.64 -3.92
N LEU A 22 -22.61 18.88 -5.01
CA LEU A 22 -23.55 19.22 -6.06
C LEU A 22 -24.54 18.12 -6.39
N ALA A 23 -24.15 16.87 -6.15
CA ALA A 23 -25.01 15.73 -6.44
C ALA A 23 -24.48 14.41 -5.92
N LYS A 24 -25.33 13.40 -5.88
CA LYS A 24 -24.92 12.09 -5.40
C LYS A 24 -24.67 11.31 -6.67
N ILE A 25 -23.52 10.66 -6.76
CA ILE A 25 -23.21 9.89 -7.95
C ILE A 25 -23.63 8.45 -7.72
N GLY A 26 -24.74 8.06 -8.35
CA GLY A 26 -25.24 6.69 -8.21
C GLY A 26 -26.22 6.46 -7.07
N GLN A 27 -26.61 5.21 -6.88
CA GLN A 27 -27.53 4.83 -5.81
C GLN A 27 -26.81 3.95 -4.81
N GLY A 28 -25.93 4.59 -4.02
CA GLY A 28 -25.21 3.87 -3.00
C GLY A 28 -25.94 4.21 -1.71
N THR A 29 -25.20 4.37 -0.61
CA THR A 29 -25.78 4.70 0.68
C THR A 29 -26.05 6.21 0.81
N PHE A 30 -26.50 6.64 1.99
CA PHE A 30 -26.83 8.05 2.24
C PHE A 30 -25.80 9.04 1.65
N GLY A 31 -24.60 9.07 2.23
CA GLY A 31 -23.56 9.96 1.76
C GLY A 31 -22.29 9.24 1.31
N GLU A 32 -22.44 8.33 0.34
CA GLU A 32 -21.31 7.56 -0.16
C GLU A 32 -20.46 8.36 -1.17
N VAL A 33 -20.90 8.48 -2.42
CA VAL A 33 -20.12 9.23 -3.41
C VAL A 33 -20.84 10.50 -3.87
N PHE A 34 -20.11 11.61 -3.89
CA PHE A 34 -20.67 12.91 -4.28
C PHE A 34 -19.94 13.61 -5.41
N LYS A 35 -20.69 14.31 -6.25
CA LYS A 35 -20.08 15.09 -7.29
C LYS A 35 -19.92 16.42 -6.57
N ALA A 36 -18.82 17.13 -6.79
CA ALA A 36 -18.64 18.39 -6.08
C ALA A 36 -17.65 19.25 -6.82
N ARG A 37 -17.57 20.53 -6.43
CA ARG A 37 -16.65 21.48 -7.05
C ARG A 37 -15.84 22.31 -6.05
N HIS A 38 -14.60 22.62 -6.41
CA HIS A 38 -13.75 23.44 -5.58
C HIS A 38 -14.31 24.84 -5.63
N ARG A 39 -14.65 25.40 -4.48
CA ARG A 39 -15.20 26.75 -4.35
C ARG A 39 -14.43 27.88 -4.97
N LYS A 40 -13.13 27.72 -5.15
CA LYS A 40 -12.29 28.76 -5.74
C LYS A 40 -11.90 28.51 -7.19
N THR A 41 -11.42 27.32 -7.51
CA THR A 41 -11.01 27.00 -8.88
C THR A 41 -12.10 26.35 -9.70
N GLY A 42 -13.17 25.94 -9.03
CA GLY A 42 -14.29 25.31 -9.71
C GLY A 42 -13.96 23.92 -10.21
N GLN A 43 -12.80 23.40 -9.83
CA GLN A 43 -12.40 22.09 -10.29
C GLN A 43 -13.41 21.02 -9.93
N LYS A 44 -13.80 20.20 -10.89
CA LYS A 44 -14.77 19.13 -10.64
C LYS A 44 -14.05 17.93 -10.04
N VAL A 45 -14.56 17.47 -8.91
CA VAL A 45 -13.99 16.34 -8.20
C VAL A 45 -15.08 15.35 -7.86
N ALA A 46 -14.72 14.22 -7.27
CA ALA A 46 -15.70 13.24 -6.84
C ALA A 46 -15.29 12.88 -5.43
N LEU A 47 -16.17 13.14 -4.48
CA LEU A 47 -15.91 12.86 -3.08
C LEU A 47 -16.40 11.45 -2.75
N LYS A 48 -15.52 10.62 -2.21
CA LYS A 48 -15.89 9.26 -1.88
C LYS A 48 -15.64 9.06 -0.41
N LYS A 49 -16.71 8.93 0.37
CA LYS A 49 -16.56 8.76 1.80
C LYS A 49 -16.00 7.43 2.21
N VAL A 50 -14.99 7.45 3.08
CA VAL A 50 -14.41 6.21 3.57
C VAL A 50 -15.46 5.66 4.50
N LEU A 51 -16.05 4.52 4.13
CA LEU A 51 -17.10 3.90 4.92
C LEU A 51 -16.60 3.13 6.13
N MET A 52 -17.25 3.36 7.27
CA MET A 52 -16.88 2.69 8.52
C MET A 52 -18.06 2.30 9.43
N GLU A 53 -19.00 1.50 8.90
CA GLU A 53 -20.12 1.07 9.71
C GLU A 53 -19.57 -0.06 10.56
N ASN A 54 -18.60 -0.77 10.00
CA ASN A 54 -17.94 -1.86 10.71
C ASN A 54 -16.73 -1.26 11.40
N GLU A 55 -16.89 -0.95 12.68
CA GLU A 55 -15.80 -0.36 13.44
C GLU A 55 -15.31 -1.37 14.48
N LYS A 56 -14.03 -1.70 14.42
CA LYS A 56 -13.45 -2.63 15.38
C LYS A 56 -11.94 -2.54 15.21
N GLU A 57 -11.48 -2.79 13.99
CA GLU A 57 -10.06 -2.72 13.71
C GLU A 57 -9.70 -1.32 13.31
N GLY A 58 -10.44 -0.35 13.87
CA GLY A 58 -10.21 1.05 13.57
C GLY A 58 -10.21 1.28 12.06
N PHE A 59 -9.63 2.38 11.62
CA PHE A 59 -9.58 2.68 10.19
C PHE A 59 -9.36 1.38 9.40
N PRO A 60 -10.28 1.04 8.51
CA PRO A 60 -10.21 -0.16 7.68
C PRO A 60 -8.87 -0.37 6.99
N ILE A 61 -8.24 -1.52 7.17
CA ILE A 61 -6.97 -1.77 6.50
C ILE A 61 -7.20 -1.79 4.99
N THR A 62 -8.47 -1.88 4.61
CA THR A 62 -8.82 -1.92 3.20
C THR A 62 -8.75 -0.52 2.64
N ALA A 63 -9.18 0.46 3.45
CA ALA A 63 -9.16 1.88 3.07
C ALA A 63 -7.70 2.31 3.02
N LEU A 64 -6.91 1.83 3.98
CA LEU A 64 -5.50 2.15 4.01
C LEU A 64 -4.79 1.61 2.81
N ARG A 65 -5.20 0.46 2.28
CA ARG A 65 -4.52 -0.08 1.10
C ARG A 65 -4.89 0.70 -0.14
N GLU A 66 -6.12 1.20 -0.14
CA GLU A 66 -6.59 1.96 -1.27
C GLU A 66 -5.71 3.19 -1.35
N ILE A 67 -5.74 3.98 -0.28
CA ILE A 67 -4.96 5.21 -0.19
C ILE A 67 -3.48 5.01 -0.53
N LYS A 68 -2.85 4.06 0.14
CA LYS A 68 -1.45 3.75 -0.12
C LYS A 68 -1.22 3.47 -1.63
N ILE A 69 -2.09 2.66 -2.25
CA ILE A 69 -1.94 2.32 -3.67
C ILE A 69 -2.21 3.48 -4.62
N LEU A 70 -3.27 4.24 -4.33
CA LEU A 70 -3.65 5.41 -5.13
C LEU A 70 -2.59 6.48 -5.07
N GLN A 71 -1.97 6.66 -3.92
CA GLN A 71 -0.94 7.68 -3.78
C GLN A 71 0.28 7.25 -4.52
N LEU A 72 0.42 5.95 -4.74
CA LEU A 72 1.55 5.41 -5.47
C LEU A 72 1.36 5.45 -6.99
N LEU A 73 0.15 5.15 -7.45
CA LEU A 73 -0.14 5.09 -8.88
C LEU A 73 -0.54 6.40 -9.56
N LYS A 74 0.33 6.92 -10.42
CA LYS A 74 0.02 8.15 -11.15
C LYS A 74 0.23 7.87 -12.64
N HIS A 75 -0.87 7.77 -13.41
CA HIS A 75 -0.81 7.43 -14.82
C HIS A 75 -2.04 7.93 -15.60
N GLU A 76 -1.85 8.32 -16.86
CA GLU A 76 -2.95 8.79 -17.71
C GLU A 76 -4.20 7.96 -17.62
N ASN A 77 -4.05 6.65 -17.39
CA ASN A 77 -5.19 5.75 -17.33
C ASN A 77 -5.54 5.17 -15.94
N VAL A 78 -5.14 5.86 -14.88
CA VAL A 78 -5.48 5.43 -13.53
C VAL A 78 -6.09 6.62 -12.77
N VAL A 79 -7.33 6.43 -12.30
CA VAL A 79 -8.05 7.47 -11.60
C VAL A 79 -7.05 8.21 -10.74
N ASN A 80 -7.26 9.50 -10.53
CA ASN A 80 -6.31 10.29 -9.77
C ASN A 80 -6.84 10.80 -8.45
N LEU A 81 -6.18 10.43 -7.36
CA LEU A 81 -6.59 10.91 -6.03
C LEU A 81 -5.91 12.29 -5.85
N ILE A 82 -6.72 13.34 -5.70
CA ILE A 82 -6.22 14.71 -5.52
C ILE A 82 -5.68 14.92 -4.10
N GLU A 83 -6.52 14.61 -3.12
CA GLU A 83 -6.19 14.78 -1.70
C GLU A 83 -7.13 14.01 -0.80
N ILE A 84 -6.84 13.99 0.49
CA ILE A 84 -7.70 13.32 1.46
C ILE A 84 -8.14 14.41 2.43
N CYS A 85 -9.46 14.58 2.50
CA CYS A 85 -10.07 15.59 3.35
C CYS A 85 -10.80 14.98 4.50
N ARG A 86 -11.33 15.83 5.36
CA ARG A 86 -12.06 15.43 6.55
C ARG A 86 -13.12 16.47 6.89
N THR A 87 -14.05 16.06 7.73
CA THR A 87 -15.11 16.93 8.23
C THR A 87 -14.92 16.89 9.74
N LYS A 88 -14.71 18.05 10.34
CA LYS A 88 -14.50 18.16 11.79
C LYS A 88 -15.52 17.38 12.64
N GLY A 97 -17.23 12.19 12.72
CA GLY A 97 -16.21 12.65 11.79
C GLY A 97 -16.05 11.74 10.58
N SER A 98 -15.75 12.32 9.41
CA SER A 98 -15.59 11.50 8.23
C SER A 98 -14.34 11.79 7.39
N ILE A 99 -13.81 10.75 6.76
CA ILE A 99 -12.65 10.90 5.90
C ILE A 99 -13.15 10.78 4.48
N TYR A 100 -12.75 11.70 3.62
CA TYR A 100 -13.18 11.73 2.22
C TYR A 100 -12.07 11.67 1.18
N LEU A 101 -12.13 10.70 0.27
CA LEU A 101 -11.15 10.64 -0.80
C LEU A 101 -11.66 11.56 -1.92
N VAL A 102 -10.78 12.42 -2.42
CA VAL A 102 -11.18 13.37 -3.45
C VAL A 102 -10.45 13.05 -4.75
N PHE A 103 -11.20 12.70 -5.81
CA PHE A 103 -10.60 12.36 -7.12
C PHE A 103 -10.95 13.38 -8.18
N ASP A 104 -10.32 13.28 -9.34
CA ASP A 104 -10.66 14.16 -10.43
C ASP A 104 -11.90 13.53 -11.06
N PHE A 105 -12.97 14.29 -11.09
CA PHE A 105 -14.21 13.85 -11.67
C PHE A 105 -14.18 13.36 -13.13
N CYS A 106 -14.81 12.22 -13.38
CA CYS A 106 -14.89 11.64 -14.71
C CYS A 106 -16.39 11.57 -15.04
N GLU A 107 -16.80 12.13 -16.17
CA GLU A 107 -18.23 12.13 -16.49
C GLU A 107 -18.90 10.76 -16.54
N HIS A 108 -18.35 9.77 -17.24
CA HIS A 108 -19.04 8.47 -17.30
C HIS A 108 -18.26 7.26 -16.89
N ASP A 109 -18.96 6.15 -16.73
CA ASP A 109 -18.33 4.87 -16.41
C ASP A 109 -18.71 3.92 -17.55
N LEU A 110 -17.79 3.06 -17.93
CA LEU A 110 -18.01 2.15 -19.03
C LEU A 110 -19.28 1.34 -18.91
N ALA A 111 -19.58 0.85 -17.71
CA ALA A 111 -20.82 0.08 -17.54
C ALA A 111 -21.99 0.96 -17.95
N GLY A 112 -21.94 2.24 -17.58
CA GLY A 112 -23.00 3.19 -17.92
C GLY A 112 -23.27 3.31 -19.41
N LEU A 113 -22.22 3.58 -20.19
CA LEU A 113 -22.33 3.72 -21.63
C LEU A 113 -22.79 2.42 -22.30
N LEU A 114 -22.25 1.29 -21.89
CA LEU A 114 -22.61 0.00 -22.48
C LEU A 114 -24.06 -0.40 -22.32
N SER A 115 -24.65 -0.07 -21.17
CA SER A 115 -26.04 -0.42 -20.95
C SER A 115 -26.92 0.42 -21.84
N ASN A 116 -26.60 1.70 -21.95
CA ASN A 116 -27.36 2.59 -22.80
C ASN A 116 -27.13 2.21 -24.27
N VAL A 117 -27.97 1.31 -24.76
CA VAL A 117 -27.91 0.81 -26.14
C VAL A 117 -28.15 1.90 -27.20
N LEU A 118 -28.40 3.12 -26.76
CA LEU A 118 -28.62 4.21 -27.70
C LEU A 118 -27.28 4.88 -28.02
N VAL A 119 -26.23 4.51 -27.28
CA VAL A 119 -24.85 5.02 -27.46
C VAL A 119 -24.15 4.06 -28.41
N LYS A 120 -23.58 4.58 -29.48
CA LYS A 120 -22.92 3.71 -30.46
C LYS A 120 -21.38 3.70 -30.47
N PHE A 121 -20.82 2.49 -30.51
CA PHE A 121 -19.38 2.25 -30.54
C PHE A 121 -18.86 1.73 -31.88
N THR A 122 -18.01 2.50 -32.56
CA THR A 122 -17.43 2.06 -33.83
C THR A 122 -16.30 1.07 -33.51
N LEU A 123 -15.85 0.29 -34.49
CA LEU A 123 -14.79 -0.68 -34.22
C LEU A 123 -13.54 0.05 -33.79
N SER A 124 -13.23 1.11 -34.54
CA SER A 124 -12.07 1.91 -34.21
C SER A 124 -12.09 2.46 -32.79
N GLU A 125 -13.27 2.87 -32.28
CA GLU A 125 -13.35 3.42 -30.93
C GLU A 125 -13.25 2.35 -29.84
N ILE A 126 -13.61 1.12 -30.16
CA ILE A 126 -13.50 0.06 -29.16
C ILE A 126 -12.03 -0.29 -29.07
N LYS A 127 -11.34 -0.22 -30.19
CA LYS A 127 -9.92 -0.53 -30.18
C LYS A 127 -9.26 0.47 -29.24
N ARG A 128 -9.73 1.71 -29.32
CA ARG A 128 -9.19 2.77 -28.49
C ARG A 128 -9.48 2.58 -27.01
N VAL A 129 -10.65 2.06 -26.67
CA VAL A 129 -10.98 1.84 -25.27
C VAL A 129 -10.15 0.71 -24.67
N MET A 130 -9.99 -0.39 -25.41
CA MET A 130 -9.19 -1.53 -24.94
C MET A 130 -7.72 -1.17 -24.81
N GLN A 131 -7.26 -0.28 -25.68
CA GLN A 131 -5.86 0.13 -25.63
C GLN A 131 -5.62 0.87 -24.31
N MET A 132 -6.44 1.85 -23.98
CA MET A 132 -6.25 2.57 -22.72
C MET A 132 -6.36 1.61 -21.54
N LEU A 133 -7.44 0.84 -21.49
CA LEU A 133 -7.64 -0.12 -20.41
C LEU A 133 -6.40 -0.99 -20.18
N LEU A 134 -5.86 -1.58 -21.26
CA LEU A 134 -4.68 -2.44 -21.13
C LEU A 134 -3.37 -1.67 -20.83
N ASN A 135 -3.28 -0.41 -21.24
CA ASN A 135 -2.08 0.37 -20.97
C ASN A 135 -2.10 0.76 -19.51
N GLY A 136 -3.30 0.92 -18.98
CA GLY A 136 -3.47 1.25 -17.59
C GLY A 136 -3.15 0.02 -16.78
N LEU A 137 -3.54 -1.16 -17.26
CA LEU A 137 -3.25 -2.39 -16.52
C LEU A 137 -1.76 -2.72 -16.56
N TYR A 138 -1.12 -2.43 -17.68
CA TYR A 138 0.31 -2.69 -17.78
C TYR A 138 0.98 -1.88 -16.69
N TYR A 139 0.53 -0.64 -16.54
CA TYR A 139 1.09 0.25 -15.53
C TYR A 139 0.99 -0.32 -14.14
N ILE A 140 -0.22 -0.50 -13.64
CA ILE A 140 -0.39 -0.98 -12.28
C ILE A 140 0.25 -2.33 -11.97
N HIS A 141 0.43 -3.18 -12.98
CA HIS A 141 1.04 -4.48 -12.71
C HIS A 141 2.53 -4.27 -12.61
N ARG A 142 3.00 -3.39 -13.48
CA ARG A 142 4.39 -2.99 -13.50
C ARG A 142 4.81 -2.56 -12.08
N ASN A 143 3.93 -1.82 -11.40
CA ASN A 143 4.15 -1.31 -10.05
C ASN A 143 3.66 -2.32 -9.00
N LYS A 144 3.76 -3.60 -9.38
CA LYS A 144 3.38 -4.71 -8.51
C LYS A 144 2.06 -4.58 -7.77
N ILE A 145 0.99 -4.21 -8.46
CA ILE A 145 -0.32 -4.07 -7.83
C ILE A 145 -1.37 -4.88 -8.58
N LEU A 146 -2.24 -5.59 -7.87
CA LEU A 146 -3.30 -6.33 -8.57
C LEU A 146 -4.57 -5.52 -8.36
N HIS A 147 -5.35 -5.32 -9.41
CA HIS A 147 -6.56 -4.53 -9.25
C HIS A 147 -7.58 -5.33 -8.46
N ARG A 148 -7.81 -6.56 -8.89
CA ARG A 148 -8.74 -7.47 -8.21
C ARG A 148 -10.22 -7.09 -8.14
N ASP A 149 -10.69 -6.32 -9.12
CA ASP A 149 -12.09 -5.95 -9.19
C ASP A 149 -12.43 -5.27 -10.51
N MET A 150 -11.88 -5.83 -11.58
CA MET A 150 -12.10 -5.33 -12.93
C MET A 150 -13.51 -5.66 -13.37
N LYS A 151 -14.20 -4.66 -13.92
CA LYS A 151 -15.55 -4.78 -14.46
C LYS A 151 -15.89 -3.46 -15.12
N ALA A 152 -16.88 -3.47 -16.01
CA ALA A 152 -17.24 -2.25 -16.70
C ALA A 152 -17.60 -1.07 -15.79
N ALA A 153 -18.01 -1.35 -14.56
CA ALA A 153 -18.42 -0.30 -13.64
C ALA A 153 -17.27 0.41 -12.96
N ASN A 154 -16.11 -0.24 -12.93
CA ASN A 154 -14.94 0.37 -12.31
C ASN A 154 -14.00 1.00 -13.36
N VAL A 155 -14.51 1.25 -14.55
CA VAL A 155 -13.73 1.85 -15.61
C VAL A 155 -14.39 3.16 -16.03
N LEU A 156 -13.87 4.29 -15.59
CA LEU A 156 -14.47 5.54 -15.97
C LEU A 156 -13.86 6.07 -17.25
N ILE A 157 -14.56 7.00 -17.89
CA ILE A 157 -14.10 7.66 -19.10
C ILE A 157 -14.45 9.13 -18.95
N THR A 158 -13.45 9.99 -19.04
CA THR A 158 -13.68 11.42 -18.89
C THR A 158 -14.34 12.01 -20.11
N ARG A 159 -14.95 13.17 -19.92
CA ARG A 159 -15.65 13.91 -20.95
C ARG A 159 -14.76 14.06 -22.19
N ASP A 160 -13.44 14.10 -22.00
CA ASP A 160 -12.48 14.27 -23.08
C ASP A 160 -12.03 12.96 -23.72
N GLY A 161 -12.68 11.85 -23.37
CA GLY A 161 -12.32 10.58 -23.96
C GLY A 161 -11.13 9.84 -23.38
N VAL A 162 -10.78 10.09 -22.13
CA VAL A 162 -9.66 9.37 -21.57
C VAL A 162 -10.15 8.33 -20.57
N LEU A 163 -9.66 7.11 -20.73
CA LEU A 163 -10.08 6.05 -19.85
C LEU A 163 -9.28 6.08 -18.55
N LYS A 164 -9.92 5.71 -17.45
CA LYS A 164 -9.24 5.72 -16.17
C LYS A 164 -9.66 4.52 -15.34
N LEU A 165 -8.72 3.68 -14.92
CA LEU A 165 -9.10 2.56 -14.07
C LEU A 165 -9.46 3.17 -12.74
N ALA A 166 -10.49 2.64 -12.09
CA ALA A 166 -10.93 3.15 -10.79
C ALA A 166 -11.26 2.04 -9.84
N ASP A 167 -11.59 2.43 -8.62
CA ASP A 167 -11.96 1.51 -7.53
C ASP A 167 -10.85 0.58 -7.09
N PHE A 168 -9.89 1.13 -6.35
CA PHE A 168 -8.79 0.31 -5.85
C PHE A 168 -9.07 -0.13 -4.41
N GLY A 169 -10.35 -0.21 -4.08
CA GLY A 169 -10.76 -0.62 -2.76
C GLY A 169 -10.43 -2.08 -2.50
N LEU A 170 -10.11 -2.85 -3.52
CA LEU A 170 -9.78 -4.25 -3.25
C LEU A 170 -8.37 -4.60 -3.75
N ALA A 171 -7.66 -3.59 -4.24
CA ALA A 171 -6.29 -3.75 -4.71
C ALA A 171 -5.36 -4.11 -3.55
N ARG A 172 -4.16 -4.54 -3.89
CA ARG A 172 -3.16 -4.93 -2.92
C ARG A 172 -1.89 -5.15 -3.71
N ALA A 173 -0.76 -5.16 -3.04
CA ALA A 173 0.48 -5.38 -3.75
C ALA A 173 0.74 -6.88 -3.82
N PHE A 174 1.61 -7.27 -4.75
CA PHE A 174 1.97 -8.66 -4.92
C PHE A 174 3.48 -8.77 -5.12
N SER A 175 4.01 -9.96 -4.88
CA SER A 175 5.45 -10.16 -4.97
C SER A 175 5.90 -10.79 -6.27
N LEU A 176 6.94 -10.22 -6.88
CA LEU A 176 7.51 -10.73 -8.12
C LEU A 176 8.50 -11.85 -7.76
N ALA A 177 7.99 -12.91 -7.12
CA ALA A 177 8.82 -14.03 -6.71
C ALA A 177 8.71 -15.27 -7.60
N LYS A 178 9.51 -15.31 -8.68
CA LYS A 178 9.54 -16.47 -9.60
C LYS A 178 10.43 -17.44 -8.86
N ASN A 179 11.13 -16.88 -7.88
CA ASN A 179 12.10 -17.55 -7.05
C ASN A 179 11.60 -18.60 -6.08
N SER A 180 11.50 -18.20 -4.81
CA SER A 180 11.13 -19.09 -3.73
C SER A 180 9.67 -19.39 -3.41
N GLN A 181 9.39 -19.26 -2.11
CA GLN A 181 8.09 -19.56 -1.49
C GLN A 181 6.81 -19.05 -2.11
N PRO A 182 5.72 -19.83 -1.92
CA PRO A 182 4.36 -19.58 -2.39
C PRO A 182 3.69 -18.47 -1.60
N ASN A 183 2.95 -17.62 -2.31
CA ASN A 183 2.23 -16.52 -1.70
C ASN A 183 0.82 -16.94 -1.33
N ARG A 184 0.29 -16.36 -0.26
CA ARG A 184 -1.06 -16.69 0.16
C ARG A 184 -1.93 -15.45 0.27
N TYR A 185 -2.50 -15.06 -0.88
CA TYR A 185 -3.35 -13.89 -0.98
C TYR A 185 -4.82 -14.27 -0.77
N TPO A 186 -5.63 -13.32 -0.32
CA TPO A 186 -7.04 -13.56 -0.11
CB TPO A 186 -7.79 -12.26 0.20
CG2 TPO A 186 -9.27 -12.52 0.34
OG1 TPO A 186 -7.30 -11.71 1.42
P TPO A 186 -6.44 -10.39 1.10
O1P TPO A 186 -7.40 -9.31 0.40
O2P TPO A 186 -5.86 -9.77 2.47
O3P TPO A 186 -5.21 -10.76 0.12
C TPO A 186 -7.62 -14.15 -1.39
O TPO A 186 -7.47 -13.56 -2.45
N ASN A 187 -8.29 -15.29 -1.29
CA ASN A 187 -8.84 -15.92 -2.49
C ASN A 187 -10.18 -15.45 -3.00
N ARG A 188 -11.13 -15.17 -2.10
CA ARG A 188 -12.45 -14.72 -2.57
C ARG A 188 -12.45 -13.23 -2.94
N VAL A 189 -12.01 -12.94 -4.15
CA VAL A 189 -11.92 -11.57 -4.64
C VAL A 189 -12.32 -11.54 -6.10
N VAL A 190 -12.68 -10.34 -6.56
CA VAL A 190 -13.13 -10.09 -7.93
C VAL A 190 -14.61 -10.47 -8.00
N THR A 191 -15.44 -9.54 -8.50
CA THR A 191 -16.86 -9.79 -8.63
C THR A 191 -16.98 -11.13 -9.33
N LEU A 192 -17.98 -11.91 -8.95
CA LEU A 192 -18.18 -13.22 -9.55
C LEU A 192 -18.23 -13.25 -11.10
N TRP A 193 -19.14 -12.52 -11.71
CA TRP A 193 -19.25 -12.56 -13.16
C TRP A 193 -17.98 -12.32 -13.93
N TYR A 194 -16.94 -11.80 -13.28
CA TYR A 194 -15.65 -11.51 -13.93
C TYR A 194 -14.50 -12.25 -13.26
N ARG A 195 -14.80 -13.17 -12.36
CA ARG A 195 -13.73 -13.89 -11.71
C ARG A 195 -13.17 -14.97 -12.64
N PRO A 196 -11.83 -15.08 -12.71
CA PRO A 196 -11.24 -16.09 -13.57
C PRO A 196 -11.39 -17.46 -12.88
N PRO A 197 -11.03 -18.56 -13.58
CA PRO A 197 -11.09 -19.94 -13.09
C PRO A 197 -10.22 -20.21 -11.86
N GLU A 198 -8.92 -19.99 -12.02
CA GLU A 198 -7.96 -20.20 -10.95
C GLU A 198 -8.48 -19.79 -9.57
N LEU A 199 -9.18 -18.66 -9.49
CA LEU A 199 -9.70 -18.20 -8.21
C LEU A 199 -10.93 -18.99 -7.74
N LEU A 200 -11.76 -19.44 -8.69
CA LEU A 200 -12.94 -20.23 -8.36
C LEU A 200 -12.51 -21.61 -7.83
N LEU A 201 -11.43 -22.14 -8.40
CA LEU A 201 -10.88 -23.43 -8.00
C LEU A 201 -10.02 -23.37 -6.73
N GLY A 202 -10.09 -22.25 -6.00
CA GLY A 202 -9.31 -22.13 -4.77
C GLY A 202 -7.90 -21.54 -4.78
N GLU A 203 -7.45 -21.06 -5.94
CA GLU A 203 -6.10 -20.48 -6.06
C GLU A 203 -5.83 -19.29 -5.14
N ARG A 204 -4.72 -19.34 -4.40
CA ARG A 204 -4.35 -18.26 -3.47
C ARG A 204 -3.02 -17.57 -3.83
N ASP A 205 -2.29 -18.14 -4.77
CA ASP A 205 -1.01 -17.58 -5.17
C ASP A 205 -1.21 -17.17 -6.64
N TYR A 206 -2.02 -16.11 -6.82
CA TYR A 206 -2.36 -15.58 -8.13
C TYR A 206 -1.65 -14.29 -8.47
N GLY A 207 -1.85 -13.80 -9.69
CA GLY A 207 -1.19 -12.57 -10.12
C GLY A 207 -1.88 -11.76 -11.20
N PRO A 208 -1.12 -10.97 -11.97
CA PRO A 208 -1.66 -10.12 -13.04
C PRO A 208 -2.69 -10.74 -13.98
N PRO A 209 -2.67 -12.08 -14.15
CA PRO A 209 -3.64 -12.70 -15.05
C PRO A 209 -5.11 -12.63 -14.60
N ILE A 210 -5.36 -12.48 -13.30
CA ILE A 210 -6.75 -12.41 -12.85
C ILE A 210 -7.40 -11.13 -13.37
N ASP A 211 -6.58 -10.13 -13.65
CA ASP A 211 -7.12 -8.89 -14.17
C ASP A 211 -7.24 -8.96 -15.67
N LEU A 212 -6.39 -9.76 -16.31
CA LEU A 212 -6.51 -9.87 -17.76
C LEU A 212 -7.73 -10.70 -18.15
N TRP A 213 -8.17 -11.58 -17.26
CA TRP A 213 -9.37 -12.33 -17.53
C TRP A 213 -10.47 -11.28 -17.52
N GLY A 214 -10.59 -10.55 -16.41
CA GLY A 214 -11.56 -9.48 -16.31
C GLY A 214 -11.51 -8.51 -17.48
N ALA A 215 -10.32 -8.26 -18.02
CA ALA A 215 -10.18 -7.36 -19.18
C ALA A 215 -10.82 -8.04 -20.40
N GLY A 216 -10.86 -9.38 -20.37
CA GLY A 216 -11.45 -10.17 -21.44
C GLY A 216 -12.99 -10.18 -21.45
N CYS A 217 -13.61 -10.14 -20.27
CA CYS A 217 -15.08 -10.11 -20.17
C CYS A 217 -15.58 -8.75 -20.59
N ILE A 218 -14.89 -7.71 -20.12
CA ILE A 218 -15.23 -6.32 -20.45
C ILE A 218 -15.08 -6.11 -21.95
N MET A 219 -14.16 -6.81 -22.58
CA MET A 219 -13.95 -6.63 -24.03
C MET A 219 -15.13 -7.15 -24.84
N ALA A 220 -15.65 -8.30 -24.43
CA ALA A 220 -16.79 -8.91 -25.09
C ALA A 220 -17.96 -7.95 -24.89
N GLU A 221 -18.17 -7.53 -23.65
CA GLU A 221 -19.26 -6.61 -23.37
C GLU A 221 -19.18 -5.40 -24.27
N MET A 222 -18.02 -5.12 -24.84
CA MET A 222 -17.92 -3.97 -25.72
C MET A 222 -18.89 -4.17 -26.90
N TRP A 223 -19.09 -5.43 -27.29
CA TRP A 223 -20.00 -5.78 -28.37
C TRP A 223 -21.32 -6.38 -27.90
N THR A 224 -21.27 -7.36 -26.99
CA THR A 224 -22.48 -8.00 -26.49
C THR A 224 -23.32 -7.11 -25.60
N ARG A 225 -22.80 -5.94 -25.24
CA ARG A 225 -23.50 -4.99 -24.39
C ARG A 225 -23.96 -5.46 -23.03
N SER A 226 -23.38 -6.53 -22.50
CA SER A 226 -23.71 -7.02 -21.16
C SER A 226 -22.93 -8.28 -20.77
N PRO A 227 -22.70 -8.47 -19.46
CA PRO A 227 -21.95 -9.61 -18.91
C PRO A 227 -22.23 -10.96 -19.56
N ILE A 228 -21.22 -11.52 -20.22
CA ILE A 228 -21.35 -12.79 -20.89
C ILE A 228 -21.40 -14.01 -19.98
N MET A 229 -21.21 -13.85 -18.68
CA MET A 229 -21.23 -15.01 -17.80
C MET A 229 -21.79 -14.67 -16.44
N GLN A 230 -23.10 -14.59 -16.38
CA GLN A 230 -23.75 -14.20 -15.14
C GLN A 230 -24.12 -15.32 -14.16
N GLY A 231 -23.11 -15.98 -13.60
CA GLY A 231 -23.35 -17.05 -12.65
C GLY A 231 -24.15 -16.59 -11.43
N ASN A 232 -24.77 -17.54 -10.73
CA ASN A 232 -25.54 -17.20 -9.53
C ASN A 232 -24.76 -17.68 -8.33
N THR A 233 -23.86 -18.62 -8.61
CA THR A 233 -23.04 -19.25 -7.61
C THR A 233 -21.65 -19.53 -8.16
N GLU A 234 -20.72 -19.79 -7.27
CA GLU A 234 -19.37 -20.10 -7.70
C GLU A 234 -19.36 -21.30 -8.63
N GLN A 235 -20.20 -22.29 -8.33
CA GLN A 235 -20.29 -23.51 -9.13
C GLN A 235 -21.01 -23.28 -10.46
N HIS A 236 -21.93 -22.32 -10.45
CA HIS A 236 -22.66 -21.99 -11.67
C HIS A 236 -21.74 -21.17 -12.58
N GLN A 237 -20.83 -20.40 -11.96
CA GLN A 237 -19.92 -19.59 -12.73
C GLN A 237 -18.93 -20.49 -13.48
N LEU A 238 -18.25 -21.38 -12.76
CA LEU A 238 -17.30 -22.29 -13.40
C LEU A 238 -18.03 -23.03 -14.51
N ALA A 239 -19.31 -23.29 -14.26
CA ALA A 239 -20.16 -23.98 -15.20
C ALA A 239 -20.18 -23.18 -16.50
N LEU A 240 -20.65 -21.94 -16.39
CA LEU A 240 -20.76 -21.03 -17.53
C LEU A 240 -19.44 -20.87 -18.29
N ILE A 241 -18.33 -20.91 -17.55
CA ILE A 241 -16.99 -20.79 -18.10
C ILE A 241 -16.59 -22.02 -18.90
N SER A 242 -17.03 -23.19 -18.44
CA SER A 242 -16.75 -24.46 -19.08
C SER A 242 -17.59 -24.56 -20.35
N GLN A 243 -18.84 -24.13 -20.25
CA GLN A 243 -19.73 -24.15 -21.40
C GLN A 243 -19.28 -23.15 -22.47
N LEU A 244 -18.43 -22.19 -22.09
CA LEU A 244 -17.98 -21.19 -23.07
C LEU A 244 -16.55 -21.40 -23.56
N CYS A 245 -15.63 -21.67 -22.63
CA CYS A 245 -14.22 -21.82 -22.95
C CYS A 245 -13.75 -23.24 -23.23
N GLY A 246 -14.53 -24.21 -22.76
CA GLY A 246 -14.15 -25.60 -22.92
C GLY A 246 -14.08 -26.15 -21.51
N SER A 247 -14.08 -27.48 -21.36
CA SER A 247 -14.04 -28.06 -20.03
C SER A 247 -12.66 -27.86 -19.41
N ILE A 248 -12.65 -27.69 -18.08
CA ILE A 248 -11.41 -27.48 -17.33
C ILE A 248 -10.68 -28.82 -17.12
N THR A 249 -9.75 -29.15 -18.03
CA THR A 249 -9.00 -30.42 -17.93
C THR A 249 -7.49 -30.18 -17.89
N PRO A 250 -6.73 -31.17 -17.36
CA PRO A 250 -5.28 -31.16 -17.22
C PRO A 250 -4.57 -31.21 -18.57
N GLU A 251 -5.36 -31.29 -19.61
CA GLU A 251 -4.83 -31.36 -20.96
C GLU A 251 -4.61 -29.98 -21.53
N VAL A 252 -5.57 -29.10 -21.25
CA VAL A 252 -5.51 -27.72 -21.74
C VAL A 252 -4.93 -26.81 -20.65
N TRP A 253 -5.05 -27.24 -19.40
CA TRP A 253 -4.54 -26.49 -18.25
C TRP A 253 -3.79 -27.44 -17.30
N PRO A 254 -2.55 -27.80 -17.67
CA PRO A 254 -1.68 -28.70 -16.91
C PRO A 254 -1.62 -28.54 -15.40
N ASN A 255 -1.89 -29.63 -14.71
CA ASN A 255 -1.84 -29.69 -13.26
C ASN A 255 -3.05 -29.13 -12.56
N VAL A 256 -4.08 -28.81 -13.34
CA VAL A 256 -5.31 -28.29 -12.75
C VAL A 256 -5.80 -29.29 -11.73
N ASP A 257 -5.21 -30.49 -11.80
CA ASP A 257 -5.49 -31.62 -10.92
C ASP A 257 -5.31 -31.21 -9.46
N ASN A 258 -4.08 -30.84 -9.13
CA ASN A 258 -3.69 -30.44 -7.79
C ASN A 258 -4.72 -29.67 -6.95
N TYR A 259 -5.45 -28.74 -7.55
CA TYR A 259 -6.42 -27.97 -6.79
C TYR A 259 -7.30 -28.87 -5.92
N GLU A 260 -7.43 -28.50 -4.65
CA GLU A 260 -8.27 -29.22 -3.71
C GLU A 260 -9.65 -29.41 -4.32
N LEU A 261 -10.37 -28.30 -4.45
CA LEU A 261 -11.71 -28.29 -5.00
C LEU A 261 -11.87 -28.85 -6.42
N TYR A 262 -10.77 -29.15 -7.09
CA TYR A 262 -10.88 -29.65 -8.45
C TYR A 262 -11.85 -30.82 -8.56
N GLU A 263 -11.76 -31.71 -7.58
CA GLU A 263 -12.59 -32.90 -7.51
C GLU A 263 -13.93 -32.62 -6.81
N LYS A 264 -13.83 -32.15 -5.57
CA LYS A 264 -14.99 -31.84 -4.72
C LYS A 264 -15.97 -30.83 -5.30
N LEU A 265 -15.86 -30.54 -6.59
CA LEU A 265 -16.74 -29.58 -7.26
C LEU A 265 -17.31 -30.16 -8.55
N GLU A 266 -18.62 -30.05 -8.72
CA GLU A 266 -19.23 -30.53 -9.93
C GLU A 266 -18.39 -29.88 -11.01
N LEU A 267 -18.21 -30.55 -12.14
CA LEU A 267 -17.39 -29.97 -13.19
C LEU A 267 -17.60 -30.67 -14.52
N VAL A 268 -18.56 -30.19 -15.31
CA VAL A 268 -18.82 -30.80 -16.62
C VAL A 268 -17.48 -31.02 -17.34
N LYS A 269 -17.33 -32.21 -17.93
CA LYS A 269 -16.08 -32.60 -18.56
C LYS A 269 -16.06 -32.84 -20.08
N GLY A 270 -17.19 -32.69 -20.75
CA GLY A 270 -17.20 -32.92 -22.19
C GLY A 270 -17.17 -31.68 -23.06
N GLN A 271 -17.40 -30.53 -22.42
CA GLN A 271 -17.46 -29.23 -23.08
C GLN A 271 -16.28 -28.85 -23.97
N LYS A 272 -16.58 -28.18 -25.08
CA LYS A 272 -15.54 -27.76 -26.02
C LYS A 272 -15.52 -26.23 -26.14
N ARG A 273 -14.35 -25.66 -26.43
CA ARG A 273 -14.24 -24.21 -26.55
C ARG A 273 -15.15 -23.67 -27.66
N LYS A 274 -15.97 -22.69 -27.32
CA LYS A 274 -16.91 -22.10 -28.27
C LYS A 274 -16.81 -20.58 -28.25
N VAL A 275 -15.74 -20.06 -27.65
CA VAL A 275 -15.55 -18.61 -27.54
C VAL A 275 -15.83 -17.86 -28.84
N LYS A 276 -14.95 -18.01 -29.81
CA LYS A 276 -15.09 -17.30 -31.09
C LYS A 276 -16.41 -17.56 -31.82
N ASP A 277 -17.09 -18.66 -31.46
CA ASP A 277 -18.36 -19.01 -32.07
C ASP A 277 -19.47 -18.20 -31.42
N ARG A 278 -19.69 -18.44 -30.13
CA ARG A 278 -20.71 -17.75 -29.39
C ARG A 278 -20.66 -16.24 -29.55
N LEU A 279 -19.47 -15.69 -29.77
CA LEU A 279 -19.32 -14.25 -29.93
C LEU A 279 -19.30 -13.83 -31.39
N LYS A 280 -19.05 -14.78 -32.27
CA LYS A 280 -18.98 -14.55 -33.72
C LYS A 280 -20.11 -13.63 -34.19
N ALA A 281 -21.30 -13.85 -33.67
CA ALA A 281 -22.45 -13.05 -34.03
C ALA A 281 -22.20 -11.57 -33.82
N TYR A 282 -21.85 -11.21 -32.57
CA TYR A 282 -21.60 -9.83 -32.13
C TYR A 282 -20.36 -9.08 -32.62
N VAL A 283 -19.20 -9.68 -32.38
CA VAL A 283 -17.91 -9.07 -32.72
C VAL A 283 -17.58 -8.88 -34.21
N ARG A 284 -17.57 -9.97 -34.98
CA ARG A 284 -17.25 -9.91 -36.42
C ARG A 284 -15.77 -9.83 -36.80
N ASP A 285 -15.12 -8.69 -36.53
CA ASP A 285 -13.71 -8.55 -36.88
C ASP A 285 -12.91 -9.71 -36.30
N PRO A 286 -12.06 -10.34 -37.13
CA PRO A 286 -11.19 -11.49 -36.80
C PRO A 286 -10.17 -11.24 -35.70
N TYR A 287 -9.50 -10.09 -35.79
CA TYR A 287 -8.50 -9.73 -34.79
C TYR A 287 -9.09 -9.52 -33.39
N ALA A 288 -10.29 -8.95 -33.32
CA ALA A 288 -10.92 -8.74 -32.02
C ALA A 288 -11.34 -10.09 -31.43
N LEU A 289 -11.69 -11.02 -32.30
CA LEU A 289 -12.09 -12.35 -31.86
C LEU A 289 -10.90 -13.14 -31.31
N ASP A 290 -9.77 -13.01 -31.98
CA ASP A 290 -8.55 -13.70 -31.58
C ASP A 290 -8.08 -13.26 -30.18
N LEU A 291 -8.09 -11.94 -29.96
CA LEU A 291 -7.70 -11.35 -28.69
C LEU A 291 -8.64 -11.82 -27.59
N ILE A 292 -9.95 -11.64 -27.81
CA ILE A 292 -10.92 -12.07 -26.80
C ILE A 292 -10.68 -13.54 -26.51
N ASP A 293 -10.20 -14.26 -27.53
CA ASP A 293 -9.90 -15.68 -27.41
C ASP A 293 -8.65 -15.88 -26.51
N LYS A 294 -7.59 -15.11 -26.76
CA LYS A 294 -6.37 -15.26 -25.94
C LYS A 294 -6.46 -14.68 -24.52
N LEU A 295 -7.44 -13.82 -24.28
CA LEU A 295 -7.63 -13.25 -22.94
C LEU A 295 -8.42 -14.19 -22.07
N LEU A 296 -9.44 -14.81 -22.65
CA LEU A 296 -10.33 -15.76 -21.92
C LEU A 296 -9.78 -17.17 -22.08
N VAL A 297 -8.61 -17.39 -21.47
CA VAL A 297 -7.92 -18.66 -21.51
C VAL A 297 -7.94 -19.16 -20.08
N LEU A 298 -8.25 -20.44 -19.92
CA LEU A 298 -8.39 -21.04 -18.61
C LEU A 298 -7.12 -21.04 -17.75
N ASP A 299 -6.00 -21.52 -18.31
CA ASP A 299 -4.73 -21.56 -17.58
C ASP A 299 -4.02 -20.20 -17.52
N PRO A 300 -4.01 -19.56 -16.34
CA PRO A 300 -3.37 -18.26 -16.19
C PRO A 300 -2.03 -18.18 -16.90
N ALA A 301 -1.18 -19.17 -16.69
CA ALA A 301 0.15 -19.19 -17.32
C ALA A 301 0.11 -19.12 -18.83
N GLN A 302 -1.06 -19.36 -19.43
CA GLN A 302 -1.18 -19.32 -20.89
C GLN A 302 -2.03 -18.17 -21.39
N ARG A 303 -2.70 -17.52 -20.46
CA ARG A 303 -3.56 -16.38 -20.76
C ARG A 303 -2.63 -15.23 -21.14
N ILE A 304 -2.97 -14.52 -22.21
CA ILE A 304 -2.17 -13.38 -22.68
C ILE A 304 -2.05 -12.32 -21.57
N ASP A 305 -1.08 -11.41 -21.71
CA ASP A 305 -0.87 -10.33 -20.75
C ASP A 305 -0.92 -8.99 -21.47
N SER A 306 -0.93 -7.90 -20.69
CA SER A 306 -1.02 -6.54 -21.22
C SER A 306 0.02 -6.16 -22.24
N ASP A 307 1.23 -6.65 -22.04
CA ASP A 307 2.28 -6.34 -22.98
C ASP A 307 1.98 -6.91 -24.35
N ASP A 308 1.66 -8.20 -24.41
CA ASP A 308 1.33 -8.83 -25.69
C ASP A 308 -0.05 -8.38 -26.20
N ALA A 309 -1.06 -8.36 -25.33
CA ALA A 309 -2.34 -7.90 -25.80
C ALA A 309 -2.18 -6.57 -26.53
N LEU A 310 -1.41 -5.63 -25.99
CA LEU A 310 -1.23 -4.31 -26.64
C LEU A 310 -0.56 -4.35 -28.00
N ASN A 311 0.27 -5.35 -28.22
CA ASN A 311 0.99 -5.48 -29.47
C ASN A 311 0.33 -6.42 -30.48
N HIS A 312 -0.81 -6.98 -30.08
CA HIS A 312 -1.59 -7.89 -30.90
C HIS A 312 -2.17 -7.14 -32.10
N ASP A 313 -2.27 -7.78 -33.26
CA ASP A 313 -2.74 -7.09 -34.47
C ASP A 313 -4.00 -6.26 -34.36
N PHE A 314 -4.90 -6.63 -33.45
CA PHE A 314 -6.13 -5.89 -33.26
C PHE A 314 -5.87 -4.41 -33.14
N PHE A 315 -4.77 -4.03 -32.52
CA PHE A 315 -4.46 -2.63 -32.35
C PHE A 315 -3.65 -2.05 -33.48
N TRP A 316 -3.10 -2.93 -34.30
CA TRP A 316 -2.27 -2.47 -35.39
C TRP A 316 -2.75 -3.00 -36.74
N SER A 317 -4.00 -2.68 -37.05
CA SER A 317 -4.62 -3.12 -38.29
C SER A 317 -5.80 -2.19 -38.51
N ASP A 318 -6.24 -2.07 -39.75
CA ASP A 318 -7.35 -1.19 -40.06
C ASP A 318 -8.68 -1.77 -39.65
N PRO A 319 -9.53 -0.93 -39.04
CA PRO A 319 -9.25 0.48 -38.77
C PRO A 319 -8.37 0.71 -37.53
N MET A 320 -7.47 1.66 -37.61
CA MET A 320 -6.61 1.96 -36.49
C MET A 320 -7.43 2.67 -35.41
N PRO A 321 -7.01 2.56 -34.13
CA PRO A 321 -7.70 3.18 -32.99
C PRO A 321 -8.01 4.67 -33.22
N SER A 322 -9.16 5.15 -32.77
CA SER A 322 -9.51 6.57 -32.91
C SER A 322 -9.96 7.15 -31.57
N ASP A 323 -10.12 8.46 -31.48
CA ASP A 323 -10.53 9.04 -30.20
C ASP A 323 -12.00 8.76 -29.98
N LEU A 324 -12.46 9.00 -28.75
CA LEU A 324 -13.86 8.76 -28.40
C LEU A 324 -14.80 9.95 -28.59
N LYS A 325 -14.47 10.87 -29.50
CA LYS A 325 -15.33 12.02 -29.71
C LYS A 325 -16.69 11.60 -30.25
N GLY A 326 -16.70 10.85 -31.34
CA GLY A 326 -17.96 10.39 -31.90
C GLY A 326 -18.79 9.71 -30.84
N MET A 327 -18.33 8.55 -30.40
CA MET A 327 -19.03 7.78 -29.39
C MET A 327 -19.58 8.60 -28.25
N LEU A 328 -18.92 9.72 -27.91
CA LEU A 328 -19.39 10.52 -26.79
C LEU A 328 -20.49 11.50 -27.16
N SER A 329 -20.67 11.73 -28.46
CA SER A 329 -21.69 12.64 -28.97
C SER A 329 -23.02 11.89 -29.12
N THR A 330 -22.96 10.55 -29.13
CA THR A 330 -24.16 9.72 -29.25
C THR A 330 -24.85 9.66 -27.88
N HIS A 331 -24.11 10.12 -26.87
CA HIS A 331 -24.63 10.18 -25.52
C HIS A 331 -25.36 11.53 -25.46
N LEU A 332 -26.69 11.48 -25.53
CA LEU A 332 -27.53 12.69 -25.52
C LEU A 332 -28.04 13.19 -24.18
N THR A 333 -28.51 14.43 -24.20
CA THR A 333 -29.01 15.10 -23.00
C THR A 333 -30.35 14.61 -22.43
N SER A 334 -31.19 13.99 -23.24
CA SER A 334 -32.46 13.48 -22.73
C SER A 334 -33.30 12.69 -23.72
N MET A 335 -34.52 12.38 -23.29
CA MET A 335 -35.53 11.65 -24.05
C MET A 335 -35.67 12.01 -25.52
N PHE A 336 -36.22 13.18 -25.78
CA PHE A 336 -36.48 13.67 -27.13
C PHE A 336 -35.27 13.68 -28.05
N GLU A 337 -34.06 13.96 -27.51
CA GLU A 337 -32.85 13.93 -28.35
C GLU A 337 -32.59 12.49 -28.72
N TYR A 338 -32.76 11.62 -27.73
CA TYR A 338 -32.56 10.20 -27.91
C TYR A 338 -33.59 9.53 -28.79
N LEU A 339 -34.84 9.99 -28.72
CA LEU A 339 -35.91 9.38 -29.48
C LEU A 339 -36.39 10.09 -30.75
N ALA A 340 -36.09 11.38 -30.88
CA ALA A 340 -36.51 12.09 -32.09
C ALA A 340 -35.48 11.91 -33.22
N ASN B 7 8.10 21.25 -2.07
CA ASN B 7 7.91 21.36 -0.59
C ASN B 7 7.17 20.12 -0.10
N ASN B 8 6.62 19.36 -1.05
CA ASN B 8 5.88 18.15 -0.73
C ASN B 8 6.87 17.08 -0.28
N ASN B 9 8.02 17.03 -0.96
CA ASN B 9 9.08 16.07 -0.64
C ASN B 9 9.86 16.63 0.52
N LYS B 10 9.83 17.95 0.68
CA LYS B 10 10.54 18.59 1.76
C LYS B 10 9.60 18.78 2.95
N ARG B 11 8.39 18.26 2.84
CA ARG B 11 7.43 18.43 3.91
C ARG B 11 7.88 17.89 5.25
N TRP B 12 8.43 16.68 5.27
CA TRP B 12 8.85 16.10 6.54
C TRP B 12 10.38 16.11 6.76
N TYR B 13 11.01 17.24 6.44
CA TYR B 13 12.43 17.41 6.66
C TYR B 13 12.51 18.81 7.22
N PHE B 14 13.26 18.97 8.32
CA PHE B 14 13.36 20.25 9.00
C PHE B 14 14.78 20.75 9.29
N THR B 15 14.90 22.06 9.48
CA THR B 15 16.18 22.70 9.81
C THR B 15 16.43 22.58 11.32
N ARG B 16 17.68 22.71 11.71
CA ARG B 16 18.05 22.62 13.11
C ARG B 16 17.24 23.61 13.94
N GLU B 17 16.81 24.69 13.29
CA GLU B 17 16.03 25.73 13.95
C GLU B 17 14.59 25.26 14.15
N GLN B 18 14.06 24.63 13.11
CA GLN B 18 12.70 24.13 13.15
C GLN B 18 12.55 23.04 14.19
N LEU B 19 13.59 22.23 14.32
CA LEU B 19 13.59 21.15 15.31
C LEU B 19 13.61 21.77 16.70
N GLU B 20 14.16 22.98 16.78
CA GLU B 20 14.26 23.73 18.04
C GLU B 20 12.91 24.34 18.41
N ASN B 21 12.28 25.01 17.46
CA ASN B 21 10.97 25.62 17.70
C ASN B 21 9.86 24.59 17.46
N SER B 22 9.94 23.46 18.16
CA SER B 22 8.95 22.41 18.02
C SER B 22 7.63 22.78 18.69
N PRO B 23 6.58 21.92 18.55
CA PRO B 23 5.27 22.17 19.16
C PRO B 23 5.36 21.91 20.66
N SER B 24 6.27 21.01 21.05
CA SER B 24 6.49 20.66 22.44
C SER B 24 7.21 21.79 23.14
N ARG B 25 7.97 22.55 22.37
CA ARG B 25 8.73 23.67 22.90
C ARG B 25 7.79 24.80 23.27
N ARG B 26 6.79 25.03 22.42
CA ARG B 26 5.81 26.09 22.64
C ARG B 26 4.93 25.83 23.86
N PHE B 27 5.12 24.67 24.49
CA PHE B 27 4.35 24.35 25.67
C PHE B 27 5.30 24.11 26.84
N GLY B 28 6.39 24.88 26.85
CA GLY B 28 7.38 24.78 27.90
C GLY B 28 8.26 23.55 27.99
N VAL B 29 8.14 22.60 27.08
CA VAL B 29 9.00 21.43 27.18
C VAL B 29 10.39 21.80 26.70
N ASP B 30 11.40 21.27 27.38
CA ASP B 30 12.78 21.56 27.05
C ASP B 30 13.31 20.64 25.97
N PRO B 31 14.31 21.11 25.22
CA PRO B 31 14.96 20.37 24.13
C PRO B 31 15.30 18.93 24.49
N ASP B 32 16.19 18.75 25.47
CA ASP B 32 16.61 17.40 25.88
C ASP B 32 15.49 16.67 26.57
N LYS B 33 14.47 17.41 26.98
CA LYS B 33 13.32 16.79 27.60
C LYS B 33 12.66 16.09 26.42
N GLU B 34 12.30 16.87 25.40
CA GLU B 34 11.67 16.33 24.21
C GLU B 34 12.48 15.13 23.73
N LEU B 35 13.68 15.40 23.23
CA LEU B 35 14.57 14.36 22.72
C LEU B 35 14.54 13.04 23.49
N SER B 36 14.19 13.09 24.77
CA SER B 36 14.14 11.88 25.56
C SER B 36 12.83 11.15 25.36
N TYR B 37 11.73 11.91 25.30
CA TYR B 37 10.41 11.32 25.08
C TYR B 37 10.46 10.53 23.77
N ARG B 38 11.11 11.13 22.77
CA ARG B 38 11.28 10.52 21.46
C ARG B 38 11.86 9.11 21.58
N GLN B 39 13.04 9.01 22.15
CA GLN B 39 13.68 7.71 22.32
C GLN B 39 12.90 6.82 23.26
N GLN B 40 12.24 7.42 24.25
CA GLN B 40 11.46 6.62 25.17
C GLN B 40 10.35 5.98 24.35
N ALA B 41 9.57 6.81 23.66
CA ALA B 41 8.49 6.36 22.81
C ALA B 41 9.01 5.28 21.87
N ALA B 42 10.18 5.53 21.28
CA ALA B 42 10.79 4.58 20.36
C ALA B 42 11.15 3.24 21.01
N ASN B 43 11.33 3.24 22.32
CA ASN B 43 11.69 2.02 23.06
C ASN B 43 10.40 1.21 23.28
N LEU B 44 9.37 1.90 23.77
CA LEU B 44 8.08 1.29 24.01
C LEU B 44 7.63 0.62 22.71
N LEU B 45 7.75 1.35 21.61
CA LEU B 45 7.37 0.83 20.31
C LEU B 45 8.17 -0.42 19.96
N GLN B 46 9.45 -0.40 20.27
CA GLN B 46 10.31 -1.54 19.98
C GLN B 46 9.99 -2.71 20.90
N ASP B 47 9.43 -2.41 22.07
CA ASP B 47 9.08 -3.45 23.04
C ASP B 47 7.83 -4.16 22.54
N MET B 48 6.71 -3.45 22.56
CA MET B 48 5.42 -3.98 22.14
C MET B 48 5.55 -4.65 20.79
N GLY B 49 6.36 -4.08 19.92
CA GLY B 49 6.54 -4.65 18.60
C GLY B 49 7.23 -6.00 18.57
N GLN B 50 8.04 -6.31 19.58
CA GLN B 50 8.71 -7.59 19.62
C GLN B 50 7.82 -8.55 20.37
N ARG B 51 6.94 -8.00 21.21
CA ARG B 51 5.98 -8.79 21.97
C ARG B 51 5.00 -9.39 20.95
N LEU B 52 4.39 -8.50 20.15
CA LEU B 52 3.42 -8.86 19.11
C LEU B 52 4.11 -9.53 17.92
N ASN B 53 5.43 -9.53 17.95
CA ASN B 53 6.21 -10.13 16.87
C ASN B 53 5.94 -9.48 15.50
N VAL B 54 5.80 -8.15 15.49
CA VAL B 54 5.60 -7.40 14.24
C VAL B 54 7.01 -7.21 13.68
N SER B 55 7.20 -7.36 12.37
CA SER B 55 8.52 -7.23 11.74
C SER B 55 9.34 -6.02 12.23
N GLN B 56 10.64 -5.99 11.90
CA GLN B 56 11.44 -4.85 12.34
C GLN B 56 10.89 -3.68 11.55
N LEU B 57 10.62 -3.91 10.27
CA LEU B 57 10.06 -2.88 9.40
C LEU B 57 8.76 -2.27 9.96
N THR B 58 7.91 -3.06 10.62
CA THR B 58 6.70 -2.49 11.19
C THR B 58 7.07 -1.51 12.30
N ILE B 59 8.14 -1.85 13.02
CA ILE B 59 8.67 -1.04 14.14
C ILE B 59 9.25 0.30 13.70
N ASN B 60 10.14 0.24 12.71
CA ASN B 60 10.80 1.41 12.13
C ASN B 60 9.78 2.42 11.63
N THR B 61 8.75 1.91 10.97
CA THR B 61 7.67 2.76 10.43
C THR B 61 6.86 3.38 11.57
N ALA B 62 6.57 2.59 12.58
CA ALA B 62 5.83 3.07 13.75
C ALA B 62 6.58 4.26 14.37
N ILE B 63 7.92 4.18 14.39
CA ILE B 63 8.78 5.24 14.93
C ILE B 63 8.74 6.51 14.06
N VAL B 64 8.96 6.36 12.75
CA VAL B 64 8.91 7.52 11.86
C VAL B 64 7.56 8.22 11.95
N TYR B 65 6.49 7.47 12.24
CA TYR B 65 5.18 8.09 12.38
C TYR B 65 5.30 8.93 13.65
N MET B 66 5.80 8.32 14.72
CA MET B 66 6.01 8.97 16.02
C MET B 66 6.71 10.33 15.90
N HIS B 67 7.92 10.29 15.33
CA HIS B 67 8.78 11.46 15.14
C HIS B 67 8.12 12.60 14.40
N ARG B 68 7.36 12.27 13.35
CA ARG B 68 6.68 13.27 12.55
C ARG B 68 5.44 13.74 13.24
N PHE B 69 4.80 12.84 13.97
CA PHE B 69 3.61 13.20 14.67
C PHE B 69 3.94 14.31 15.65
N TYR B 70 5.16 14.30 16.17
CA TYR B 70 5.58 15.30 17.13
C TYR B 70 6.31 16.53 16.61
N MET B 71 6.10 16.84 15.34
CA MET B 71 6.70 18.02 14.74
C MET B 71 5.50 18.89 14.41
N ILE B 72 4.32 18.33 14.66
CA ILE B 72 3.05 19.01 14.42
C ILE B 72 2.31 19.09 15.75
N GLN B 73 2.38 18.00 16.52
CA GLN B 73 1.70 17.93 17.83
C GLN B 73 2.72 18.02 18.98
N SER B 74 2.23 18.26 20.20
CA SER B 74 3.09 18.38 21.37
C SER B 74 2.89 17.30 22.41
N PHE B 75 4.00 16.79 22.97
CA PHE B 75 3.98 15.74 23.99
C PHE B 75 3.06 16.13 25.17
N THR B 76 2.93 17.45 25.35
CA THR B 76 2.08 18.06 26.36
C THR B 76 0.67 17.47 26.29
N GLN B 77 0.08 17.64 25.10
CA GLN B 77 -1.28 17.20 24.80
C GLN B 77 -1.42 15.72 24.42
N PHE B 78 -0.36 15.12 23.89
CA PHE B 78 -0.41 13.73 23.48
C PHE B 78 0.72 12.94 24.10
N PRO B 79 0.45 12.33 25.26
CA PRO B 79 1.44 11.54 25.96
C PRO B 79 2.00 10.47 25.04
N GLY B 80 3.31 10.49 24.87
CA GLY B 80 3.97 9.51 24.02
C GLY B 80 3.69 8.06 24.34
N ASN B 81 2.95 7.77 25.42
CA ASN B 81 2.63 6.38 25.77
C ASN B 81 1.25 6.01 25.29
N SER B 82 0.45 7.04 25.00
CA SER B 82 -0.89 6.84 24.49
C SER B 82 -0.69 6.69 22.99
N VAL B 83 0.05 7.65 22.44
CA VAL B 83 0.35 7.69 21.03
C VAL B 83 1.09 6.47 20.48
N ALA B 84 2.08 5.97 21.20
CA ALA B 84 2.87 4.84 20.71
C ALA B 84 2.10 3.57 20.36
N PRO B 85 1.07 3.22 21.15
CA PRO B 85 0.31 2.00 20.84
C PRO B 85 -0.44 2.14 19.51
N ALA B 86 -1.13 3.27 19.37
CA ALA B 86 -1.91 3.64 18.19
C ALA B 86 -0.99 3.63 16.96
N ALA B 87 0.14 4.31 17.07
CA ALA B 87 1.10 4.38 15.98
C ALA B 87 1.49 2.98 15.50
N LEU B 88 1.81 2.10 16.44
CA LEU B 88 2.20 0.72 16.11
C LEU B 88 1.01 -0.07 15.54
N PHE B 89 -0.19 0.23 16.05
CA PHE B 89 -1.39 -0.43 15.58
C PHE B 89 -1.54 -0.16 14.08
N LEU B 90 -1.57 1.13 13.74
CA LEU B 90 -1.67 1.57 12.37
C LEU B 90 -0.53 1.02 11.53
N ALA B 91 0.69 1.09 12.07
CA ALA B 91 1.90 0.63 11.38
C ALA B 91 1.84 -0.82 10.95
N ALA B 92 1.13 -1.63 11.73
CA ALA B 92 0.99 -3.04 11.44
C ALA B 92 0.27 -3.28 10.10
N LYS B 93 -0.92 -2.67 9.99
CA LYS B 93 -1.72 -2.75 8.77
C LYS B 93 -0.84 -2.28 7.65
N VAL B 94 -0.38 -1.02 7.75
CA VAL B 94 0.46 -0.44 6.72
C VAL B 94 1.59 -1.32 6.22
N GLU B 95 2.26 -2.06 7.09
CA GLU B 95 3.36 -2.91 6.63
C GLU B 95 2.94 -4.38 6.42
N GLU B 96 1.63 -4.59 6.26
CA GLU B 96 0.97 -5.88 6.01
C GLU B 96 1.22 -7.02 7.02
N GLN B 97 1.12 -6.69 8.30
CA GLN B 97 1.29 -7.65 9.39
C GLN B 97 0.45 -7.10 10.53
N PRO B 98 -0.82 -6.83 10.23
CA PRO B 98 -1.78 -6.28 11.19
C PRO B 98 -1.99 -7.16 12.42
N LYS B 99 -2.27 -6.52 13.54
CA LYS B 99 -2.54 -7.23 14.78
C LYS B 99 -3.90 -6.73 15.20
N LYS B 100 -4.66 -7.57 15.90
CA LYS B 100 -6.00 -7.19 16.32
C LYS B 100 -5.99 -6.12 17.37
N LEU B 101 -6.91 -5.18 17.25
CA LEU B 101 -6.99 -4.08 18.19
C LEU B 101 -6.85 -4.56 19.62
N GLU B 102 -7.48 -5.68 19.93
CA GLU B 102 -7.42 -6.22 21.29
C GLU B 102 -6.04 -6.76 21.64
N HIS B 103 -5.48 -7.60 20.77
CA HIS B 103 -4.15 -8.15 20.97
C HIS B 103 -3.20 -7.00 21.38
N VAL B 104 -3.34 -5.84 20.73
CA VAL B 104 -2.51 -4.67 20.99
C VAL B 104 -2.85 -3.96 22.30
N ILE B 105 -4.13 -3.78 22.58
CA ILE B 105 -4.53 -3.11 23.82
C ILE B 105 -4.02 -3.90 25.01
N LYS B 106 -3.70 -5.17 24.75
CA LYS B 106 -3.17 -6.10 25.73
C LYS B 106 -1.70 -5.76 25.97
N VAL B 107 -0.87 -6.09 24.98
CA VAL B 107 0.56 -5.82 25.03
C VAL B 107 0.88 -4.38 25.43
N ALA B 108 -0.01 -3.44 25.12
CA ALA B 108 0.24 -2.06 25.48
C ALA B 108 0.04 -1.92 26.97
N HIS B 109 -0.84 -2.76 27.52
CA HIS B 109 -1.12 -2.75 28.95
C HIS B 109 -0.10 -3.53 29.76
N THR B 110 0.45 -4.59 29.16
CA THR B 110 1.46 -5.39 29.82
C THR B 110 2.67 -4.51 30.07
N CYS B 111 3.00 -3.66 29.10
CA CYS B 111 4.16 -2.78 29.20
C CYS B 111 4.02 -1.52 30.02
N LEU B 112 2.85 -0.91 30.05
CA LEU B 112 2.73 0.30 30.86
C LEU B 112 2.15 0.01 32.24
N HIS B 113 1.74 -1.24 32.46
CA HIS B 113 1.15 -1.66 33.74
C HIS B 113 1.39 -3.14 34.02
N PRO B 114 2.65 -3.56 34.18
CA PRO B 114 2.89 -4.98 34.45
C PRO B 114 2.17 -5.36 35.74
N GLN B 115 2.09 -4.39 36.65
CA GLN B 115 1.46 -4.59 37.94
C GLN B 115 0.00 -5.01 37.84
N GLU B 116 -0.89 -4.05 37.62
CA GLU B 116 -2.32 -4.34 37.50
C GLU B 116 -2.62 -5.49 36.54
N SER B 117 -3.91 -5.75 36.34
CA SER B 117 -4.32 -6.80 35.43
C SER B 117 -5.39 -6.25 34.47
N LEU B 118 -5.37 -6.75 33.24
CA LEU B 118 -6.29 -6.31 32.19
C LEU B 118 -7.74 -6.14 32.61
N PRO B 119 -8.27 -4.91 32.51
CA PRO B 119 -9.67 -4.67 32.89
C PRO B 119 -10.54 -5.64 32.09
N ASP B 120 -11.74 -5.94 32.58
CA ASP B 120 -12.62 -6.89 31.89
C ASP B 120 -12.97 -6.41 30.49
N THR B 121 -12.91 -7.34 29.54
CA THR B 121 -13.22 -7.02 28.15
C THR B 121 -14.68 -6.61 27.99
N ARG B 122 -15.33 -6.28 29.10
CA ARG B 122 -16.72 -5.87 29.10
C ARG B 122 -16.92 -4.58 29.90
N SER B 123 -15.99 -4.28 30.80
CA SER B 123 -16.09 -3.09 31.63
C SER B 123 -16.24 -1.83 30.78
N GLU B 124 -16.53 -0.72 31.44
CA GLU B 124 -16.68 0.56 30.74
C GLU B 124 -15.32 1.14 30.40
N ALA B 125 -14.37 0.92 31.30
CA ALA B 125 -13.01 1.40 31.13
C ALA B 125 -12.32 0.73 29.94
N TYR B 126 -12.54 -0.58 29.77
CA TYR B 126 -11.92 -1.29 28.66
C TYR B 126 -12.49 -0.73 27.37
N LEU B 127 -13.76 -0.98 27.11
CA LEU B 127 -14.40 -0.49 25.89
C LEU B 127 -14.02 0.97 25.67
N GLN B 128 -14.08 1.75 26.75
CA GLN B 128 -13.73 3.16 26.69
C GLN B 128 -12.40 3.39 25.99
N GLN B 129 -11.34 2.74 26.49
CA GLN B 129 -10.01 2.90 25.92
C GLN B 129 -9.91 2.34 24.51
N VAL B 130 -10.61 1.25 24.22
CA VAL B 130 -10.56 0.67 22.88
C VAL B 130 -10.92 1.77 21.89
N GLN B 131 -11.64 2.79 22.37
CA GLN B 131 -12.02 3.92 21.54
C GLN B 131 -10.94 4.98 21.51
N ASP B 132 -10.31 5.21 22.66
CA ASP B 132 -9.25 6.20 22.75
C ASP B 132 -8.13 5.84 21.78
N LEU B 133 -7.87 4.53 21.63
CA LEU B 133 -6.84 4.08 20.73
C LEU B 133 -7.31 4.38 19.31
N VAL B 134 -8.54 3.96 19.00
CA VAL B 134 -9.13 4.19 17.68
C VAL B 134 -9.14 5.66 17.31
N ILE B 135 -9.51 6.52 18.26
CA ILE B 135 -9.54 7.96 18.03
C ILE B 135 -8.17 8.51 17.71
N LEU B 136 -7.17 8.06 18.47
CA LEU B 136 -5.80 8.51 18.31
C LEU B 136 -5.25 8.17 16.92
N GLU B 137 -5.59 6.98 16.43
CA GLU B 137 -5.16 6.53 15.12
C GLU B 137 -5.75 7.44 14.06
N SER B 138 -6.90 8.02 14.34
CA SER B 138 -7.54 8.93 13.40
C SER B 138 -6.82 10.26 13.40
N ILE B 139 -6.25 10.63 14.55
CA ILE B 139 -5.51 11.88 14.68
C ILE B 139 -4.10 11.70 14.15
N ILE B 140 -3.55 10.50 14.30
CA ILE B 140 -2.21 10.25 13.77
C ILE B 140 -2.33 10.30 12.24
N LEU B 141 -3.39 9.70 11.70
CA LEU B 141 -3.61 9.69 10.25
C LEU B 141 -3.76 11.08 9.66
N GLN B 142 -4.51 11.96 10.34
CA GLN B 142 -4.70 13.31 9.85
C GLN B 142 -3.47 14.19 10.04
N THR B 143 -2.71 13.91 11.07
CA THR B 143 -1.50 14.69 11.35
C THR B 143 -0.38 14.37 10.37
N LEU B 144 -0.26 13.10 9.99
CA LEU B 144 0.77 12.71 9.03
C LEU B 144 0.24 13.06 7.63
N GLY B 145 -0.95 13.64 7.59
CA GLY B 145 -1.57 13.99 6.31
C GLY B 145 -1.87 12.75 5.48
N PHE B 146 -2.08 11.62 6.15
CA PHE B 146 -2.37 10.36 5.48
C PHE B 146 -1.23 9.85 4.61
N GLU B 147 -0.02 10.38 4.80
CA GLU B 147 1.13 9.95 4.02
C GLU B 147 1.73 8.78 4.79
N LEU B 148 1.51 7.57 4.30
CA LEU B 148 1.96 6.39 5.01
C LEU B 148 3.20 5.64 4.57
N THR B 149 3.67 5.86 3.34
CA THR B 149 4.82 5.11 2.87
C THR B 149 6.17 5.63 3.35
N ILE B 150 6.87 4.83 4.15
CA ILE B 150 8.14 5.21 4.72
C ILE B 150 9.36 4.44 4.24
N ASP B 151 10.29 5.13 3.59
CA ASP B 151 11.51 4.50 3.12
C ASP B 151 12.51 4.57 4.28
N HIS B 152 13.18 3.46 4.57
CA HIS B 152 14.11 3.41 5.68
C HIS B 152 15.59 3.27 5.29
N PRO B 153 16.50 3.67 6.20
CA PRO B 153 17.95 3.61 5.97
C PRO B 153 18.48 2.20 5.75
N HIS B 154 17.79 1.24 6.35
CA HIS B 154 18.17 -0.18 6.27
C HIS B 154 18.21 -0.73 4.86
N THR B 155 17.52 -0.06 3.94
CA THR B 155 17.49 -0.50 2.56
C THR B 155 18.85 -0.23 1.94
N HIS B 156 19.21 1.06 1.94
CA HIS B 156 20.46 1.55 1.38
C HIS B 156 21.69 1.00 2.11
N VAL B 157 21.50 0.60 3.36
CA VAL B 157 22.58 0.03 4.16
C VAL B 157 22.92 -1.34 3.64
N VAL B 158 21.93 -2.24 3.65
CA VAL B 158 22.13 -3.60 3.15
C VAL B 158 22.75 -3.53 1.74
N LYS B 159 22.01 -2.92 0.82
CA LYS B 159 22.46 -2.73 -0.56
C LYS B 159 23.94 -2.34 -0.65
N CYS B 160 24.36 -1.34 0.13
CA CYS B 160 25.74 -0.84 0.12
C CYS B 160 26.79 -1.80 0.64
N THR B 161 26.50 -2.48 1.73
CA THR B 161 27.46 -3.42 2.30
C THR B 161 27.72 -4.55 1.30
N GLN B 162 26.64 -5.06 0.70
CA GLN B 162 26.74 -6.12 -0.29
C GLN B 162 27.66 -5.67 -1.42
N LEU B 163 27.61 -4.38 -1.74
CA LEU B 163 28.40 -3.79 -2.81
C LEU B 163 29.89 -3.66 -2.54
N VAL B 164 30.26 -3.44 -1.28
CA VAL B 164 31.67 -3.28 -0.92
C VAL B 164 32.19 -4.58 -0.34
N ARG B 165 31.36 -5.61 -0.41
CA ARG B 165 31.68 -6.93 0.12
C ARG B 165 32.15 -6.82 1.57
N ALA B 166 31.52 -5.92 2.31
CA ALA B 166 31.83 -5.73 3.71
C ALA B 166 31.69 -7.06 4.43
N SER B 167 32.55 -7.31 5.42
CA SER B 167 32.52 -8.54 6.19
C SER B 167 31.16 -8.67 6.88
N LYS B 168 30.81 -9.89 7.27
CA LYS B 168 29.53 -10.13 7.93
C LYS B 168 29.34 -9.20 9.12
N ASP B 169 30.43 -8.98 9.84
CA ASP B 169 30.42 -8.15 11.03
C ASP B 169 30.17 -6.66 10.75
N LEU B 170 30.74 -6.15 9.67
CA LEU B 170 30.55 -4.75 9.32
C LEU B 170 29.14 -4.56 8.81
N ALA B 171 28.65 -5.59 8.12
CA ALA B 171 27.30 -5.58 7.58
C ALA B 171 26.31 -5.43 8.71
N GLN B 172 26.29 -6.41 9.61
CA GLN B 172 25.37 -6.41 10.75
C GLN B 172 25.48 -5.13 11.57
N THR B 173 26.70 -4.68 11.77
CA THR B 173 26.95 -3.48 12.56
C THR B 173 26.40 -2.21 11.89
N SER B 174 26.48 -2.13 10.57
CA SER B 174 25.96 -0.96 9.86
C SER B 174 24.44 -0.94 9.93
N TYR B 175 23.84 -2.13 9.85
CA TYR B 175 22.39 -2.28 9.94
C TYR B 175 21.97 -1.97 11.37
N PHE B 176 22.79 -2.38 12.33
CA PHE B 176 22.47 -2.13 13.72
C PHE B 176 22.46 -0.64 14.03
N MET B 177 23.36 0.09 13.39
CA MET B 177 23.43 1.53 13.63
C MET B 177 22.29 2.31 12.99
N ALA B 178 21.66 1.70 11.99
CA ALA B 178 20.55 2.36 11.32
C ALA B 178 19.30 2.20 12.18
N THR B 179 19.21 1.08 12.90
CA THR B 179 18.06 0.87 13.76
C THR B 179 18.13 1.87 14.90
N ASN B 180 19.34 2.22 15.29
CA ASN B 180 19.57 3.14 16.39
C ASN B 180 19.42 4.61 16.06
N SER B 181 19.78 4.95 14.84
CA SER B 181 19.65 6.32 14.41
C SER B 181 18.16 6.66 14.47
N LEU B 182 17.31 5.64 14.32
CA LEU B 182 15.85 5.81 14.36
C LEU B 182 15.36 6.03 15.78
N HIS B 183 15.95 5.25 16.69
CA HIS B 183 15.64 5.28 18.13
C HIS B 183 16.23 6.55 18.78
N LEU B 184 17.54 6.71 18.63
CA LEU B 184 18.27 7.82 19.25
C LEU B 184 18.33 9.24 18.65
N THR B 185 18.47 9.36 17.35
CA THR B 185 18.56 10.67 16.71
C THR B 185 17.29 11.03 15.99
N THR B 186 17.21 12.24 15.48
CA THR B 186 16.04 12.59 14.72
C THR B 186 16.47 12.76 13.27
N PHE B 187 17.61 12.17 12.90
CA PHE B 187 18.11 12.28 11.54
C PHE B 187 16.97 12.00 10.53
N SER B 188 16.09 11.09 10.94
CA SER B 188 14.92 10.69 10.18
C SER B 188 14.09 11.91 9.71
N LEU B 189 14.22 13.00 10.46
CA LEU B 189 13.51 14.25 10.19
C LEU B 189 14.42 15.29 9.56
N GLN B 190 15.67 14.95 9.32
CA GLN B 190 16.62 15.91 8.76
C GLN B 190 17.34 15.47 7.51
N TYR B 191 17.55 14.17 7.37
CA TYR B 191 18.25 13.65 6.19
C TYR B 191 17.54 12.51 5.50
N THR B 192 17.71 12.43 4.19
CA THR B 192 17.08 11.36 3.43
C THR B 192 17.68 10.02 3.88
N PRO B 193 16.87 8.94 3.85
CA PRO B 193 17.33 7.62 4.26
C PRO B 193 18.68 7.21 3.68
N PRO B 194 18.91 7.46 2.39
CA PRO B 194 20.21 7.09 1.80
C PRO B 194 21.42 7.73 2.50
N VAL B 195 21.29 8.97 2.95
CA VAL B 195 22.39 9.65 3.61
C VAL B 195 22.59 9.03 4.99
N VAL B 196 21.48 8.86 5.72
CA VAL B 196 21.54 8.26 7.04
C VAL B 196 22.19 6.86 6.95
N ALA B 197 21.95 6.14 5.86
CA ALA B 197 22.53 4.81 5.67
C ALA B 197 24.05 4.96 5.52
N CYS B 198 24.45 6.03 4.82
CA CYS B 198 25.86 6.33 4.59
C CYS B 198 26.54 6.68 5.91
N VAL B 199 25.83 7.42 6.76
CA VAL B 199 26.33 7.81 8.07
C VAL B 199 26.55 6.58 8.94
N CYS B 200 25.67 5.59 8.83
CA CYS B 200 25.77 4.37 9.61
C CYS B 200 26.93 3.44 9.18
N ILE B 201 27.27 3.46 7.89
CA ILE B 201 28.37 2.64 7.36
C ILE B 201 29.71 3.31 7.65
N HIS B 202 29.74 4.63 7.54
CA HIS B 202 30.95 5.41 7.79
C HIS B 202 31.37 5.21 9.24
N LEU B 203 30.37 5.05 10.10
CA LEU B 203 30.58 4.87 11.54
C LEU B 203 31.04 3.45 11.91
N ALA B 204 30.28 2.44 11.46
CA ALA B 204 30.65 1.07 11.77
C ALA B 204 32.04 0.78 11.22
N CYS B 205 32.48 1.63 10.28
CA CYS B 205 33.79 1.51 9.64
C CYS B 205 34.92 2.11 10.44
N LYS B 206 34.61 3.18 11.19
CA LYS B 206 35.59 3.84 12.03
C LYS B 206 35.95 2.83 13.10
N TRP B 207 34.92 2.25 13.69
CA TRP B 207 35.08 1.26 14.73
C TRP B 207 35.87 0.05 14.25
N SER B 208 35.72 -0.31 12.98
CA SER B 208 36.43 -1.44 12.39
C SER B 208 37.75 -0.97 11.76
N ASN B 209 38.03 0.32 11.88
CA ASN B 209 39.23 0.93 11.30
C ASN B 209 39.44 0.42 9.88
N TRP B 210 38.35 0.35 9.11
CA TRP B 210 38.40 -0.11 7.74
C TRP B 210 38.22 1.09 6.82
N GLU B 211 39.14 1.26 5.88
CA GLU B 211 39.04 2.37 4.94
C GLU B 211 38.60 1.86 3.57
N ILE B 212 37.29 1.82 3.32
CA ILE B 212 36.76 1.33 2.04
C ILE B 212 37.48 1.90 0.84
N PRO B 213 38.16 1.02 0.07
CA PRO B 213 38.92 1.38 -1.13
C PRO B 213 38.14 2.27 -2.08
N VAL B 214 38.85 3.22 -2.67
CA VAL B 214 38.25 4.16 -3.63
C VAL B 214 38.22 3.51 -5.00
N SER B 215 37.01 3.32 -5.53
CA SER B 215 36.82 2.69 -6.84
C SER B 215 37.76 3.18 -7.93
N THR B 216 38.52 2.23 -8.48
CA THR B 216 39.51 2.44 -9.54
C THR B 216 39.38 3.77 -10.28
N ASP B 217 40.31 4.69 -10.02
CA ASP B 217 40.30 6.01 -10.65
C ASP B 217 38.89 6.62 -10.66
N GLY B 218 38.24 6.70 -9.50
CA GLY B 218 36.90 7.24 -9.50
C GLY B 218 36.23 7.61 -8.18
N LYS B 219 34.97 7.21 -8.09
CA LYS B 219 34.13 7.49 -6.94
C LYS B 219 34.41 6.75 -5.63
N HIS B 220 34.04 7.41 -4.54
CA HIS B 220 34.18 6.90 -3.19
C HIS B 220 32.95 6.04 -2.92
N TRP B 221 33.04 5.15 -1.94
CA TRP B 221 31.92 4.26 -1.64
C TRP B 221 30.54 4.91 -1.47
N TRP B 222 30.51 6.06 -0.80
CA TRP B 222 29.25 6.76 -0.55
C TRP B 222 28.65 7.35 -1.81
N GLU B 223 29.39 7.26 -2.90
CA GLU B 223 28.91 7.78 -4.17
C GLU B 223 28.11 6.73 -4.90
N TYR B 224 28.00 5.56 -4.28
CA TYR B 224 27.23 4.47 -4.85
C TYR B 224 26.02 4.27 -3.93
N VAL B 225 25.82 5.24 -3.04
CA VAL B 225 24.73 5.19 -2.07
C VAL B 225 23.94 6.48 -2.14
N ASP B 226 24.60 7.55 -2.52
CA ASP B 226 23.97 8.85 -2.63
C ASP B 226 24.94 9.86 -3.22
N ALA B 227 24.43 10.68 -4.14
CA ALA B 227 25.24 11.67 -4.81
C ALA B 227 25.46 13.00 -4.09
N THR B 228 24.64 13.32 -3.10
CA THR B 228 24.81 14.60 -2.38
C THR B 228 25.71 14.49 -1.15
N VAL B 229 26.08 13.25 -0.79
CA VAL B 229 26.94 13.01 0.36
C VAL B 229 28.38 13.44 0.09
N THR B 230 29.01 14.02 1.10
CA THR B 230 30.40 14.49 1.02
C THR B 230 31.14 13.92 2.22
N LEU B 231 32.46 13.78 2.14
CA LEU B 231 33.21 13.25 3.28
C LEU B 231 32.99 14.15 4.51
N GLU B 232 32.96 15.46 4.29
CA GLU B 232 32.76 16.45 5.34
C GLU B 232 31.47 16.17 6.11
N LEU B 233 30.38 15.93 5.40
CA LEU B 233 29.11 15.65 6.06
C LEU B 233 29.21 14.41 6.95
N LEU B 234 29.58 13.29 6.35
CA LEU B 234 29.72 12.05 7.08
C LEU B 234 30.53 12.16 8.39
N ASP B 235 31.49 13.08 8.44
CA ASP B 235 32.28 13.24 9.66
C ASP B 235 31.48 14.03 10.68
N GLU B 236 30.79 15.06 10.22
CA GLU B 236 29.97 15.89 11.10
C GLU B 236 28.82 15.11 11.71
N LEU B 237 28.11 14.37 10.87
CA LEU B 237 26.97 13.60 11.34
C LEU B 237 27.41 12.44 12.22
N THR B 238 28.56 11.86 11.94
CA THR B 238 29.08 10.77 12.76
C THR B 238 29.40 11.32 14.15
N HIS B 239 30.08 12.46 14.17
CA HIS B 239 30.44 13.12 15.43
C HIS B 239 29.12 13.46 16.15
N GLU B 240 28.15 13.94 15.39
CA GLU B 240 26.85 14.29 15.95
C GLU B 240 26.10 13.10 16.54
N PHE B 241 26.24 11.95 15.91
CA PHE B 241 25.57 10.75 16.37
C PHE B 241 26.20 10.26 17.66
N LEU B 242 27.54 10.30 17.72
CA LEU B 242 28.28 9.86 18.88
C LEU B 242 28.01 10.70 20.11
N GLN B 243 27.88 12.02 19.92
CA GLN B 243 27.59 12.90 21.05
C GLN B 243 26.23 12.57 21.64
N ILE B 244 25.30 12.18 20.77
CA ILE B 244 23.98 11.78 21.21
C ILE B 244 24.18 10.54 22.08
N LEU B 245 24.92 9.57 21.57
CA LEU B 245 25.21 8.34 22.32
C LEU B 245 25.86 8.62 23.66
N GLU B 246 26.60 9.73 23.74
CA GLU B 246 27.32 10.07 24.96
C GLU B 246 26.42 10.75 25.99
N LYS B 247 25.18 11.06 25.61
CA LYS B 247 24.29 11.72 26.54
C LYS B 247 23.20 10.79 27.06
N THR B 248 23.24 9.54 26.63
CA THR B 248 22.25 8.57 27.10
C THR B 248 22.49 8.39 28.60
N PRO B 249 21.46 7.95 29.35
CA PRO B 249 21.55 7.74 30.80
C PRO B 249 22.80 7.06 31.33
N ASN B 250 23.10 5.84 30.88
CA ASN B 250 24.29 5.14 31.36
C ASN B 250 25.58 5.67 30.76
N ARG B 251 25.62 6.97 30.52
CA ARG B 251 26.80 7.64 30.00
C ARG B 251 26.74 9.06 30.52
N LEU B 252 26.46 9.17 31.81
CA LEU B 252 26.35 10.45 32.48
C LEU B 252 26.44 10.22 34.00
N CYS B 261 23.55 -15.91 34.93
CA CYS B 261 24.42 -15.85 33.76
C CYS B 261 25.78 -15.32 34.19
N MET C 1 18.40 -4.99 14.71
CA MET C 1 19.81 -5.36 15.04
C MET C 1 20.35 -6.49 14.17
N GLU C 2 19.46 -7.32 13.63
CA GLU C 2 19.82 -8.45 12.77
C GLU C 2 19.40 -8.09 11.32
N PRO C 3 20.36 -8.04 10.38
CA PRO C 3 20.10 -7.71 8.97
C PRO C 3 19.02 -8.54 8.25
N VAL C 4 18.01 -7.86 7.71
CA VAL C 4 16.92 -8.52 6.97
C VAL C 4 16.91 -8.02 5.51
N ASP C 5 16.80 -8.94 4.55
CA ASP C 5 16.80 -8.58 3.12
C ASP C 5 15.67 -7.58 2.86
N PRO C 6 16.02 -6.36 2.40
CA PRO C 6 15.04 -5.31 2.10
C PRO C 6 14.23 -5.68 0.89
N ARG C 7 14.79 -6.56 0.06
CA ARG C 7 14.15 -7.01 -1.16
C ARG C 7 12.85 -7.79 -0.91
N LEU C 8 12.71 -8.35 0.29
CA LEU C 8 11.51 -9.11 0.63
C LEU C 8 10.35 -8.13 0.84
N GLU C 9 9.17 -8.51 0.37
CA GLU C 9 7.99 -7.67 0.53
C GLU C 9 7.56 -7.67 2.00
N PRO C 10 6.90 -6.59 2.45
CA PRO C 10 6.41 -6.40 3.82
C PRO C 10 5.84 -7.59 4.58
N TRP C 11 4.94 -8.33 3.95
CA TRP C 11 4.31 -9.48 4.57
C TRP C 11 5.31 -10.64 4.70
N LYS C 12 6.37 -10.62 3.90
CA LYS C 12 7.39 -11.67 3.92
C LYS C 12 8.53 -11.40 4.90
N HIS C 13 8.38 -10.39 5.74
CA HIS C 13 9.42 -10.06 6.71
C HIS C 13 9.23 -10.76 8.04
N PRO C 14 10.29 -11.39 8.56
CA PRO C 14 10.30 -12.13 9.84
C PRO C 14 9.91 -11.29 11.07
N GLY C 15 9.33 -11.94 12.07
CA GLY C 15 8.93 -11.23 13.28
C GLY C 15 10.14 -10.75 14.06
N SER C 16 9.99 -9.59 14.70
CA SER C 16 11.06 -8.98 15.49
C SER C 16 11.40 -9.77 16.76
N GLN C 17 10.37 -10.36 17.36
CA GLN C 17 10.48 -11.14 18.59
C GLN C 17 11.79 -11.92 18.70
N PRO C 18 12.58 -11.66 19.76
CA PRO C 18 13.85 -12.37 19.92
C PRO C 18 13.65 -13.86 20.23
N LYS C 19 14.47 -14.70 19.62
CA LYS C 19 14.41 -16.16 19.79
C LYS C 19 14.30 -16.62 21.25
N THR C 20 15.09 -16.02 22.14
CA THR C 20 15.09 -16.38 23.55
C THR C 20 14.51 -15.26 24.40
N ALA C 21 14.02 -15.61 25.59
CA ALA C 21 13.43 -14.62 26.48
C ALA C 21 14.47 -13.59 26.90
N CYS C 22 14.00 -12.44 27.35
CA CYS C 22 14.89 -11.37 27.82
C CYS C 22 15.20 -11.63 29.29
N THR C 23 16.48 -11.67 29.61
CA THR C 23 16.95 -11.90 30.98
C THR C 23 17.12 -10.55 31.69
N ASN C 24 17.36 -10.58 33.00
CA ASN C 24 17.54 -9.36 33.78
C ASN C 24 19.04 -9.13 34.02
N CYS C 25 19.85 -10.06 33.52
CA CYS C 25 21.30 -10.00 33.63
C CYS C 25 21.92 -8.84 32.86
N TYR C 26 22.77 -8.07 33.53
CA TYR C 26 23.46 -6.96 32.91
C TYR C 26 24.87 -7.43 32.61
N CYS C 27 25.26 -7.39 31.35
CA CYS C 27 26.60 -7.81 30.96
C CYS C 27 26.73 -7.67 29.46
N LYS C 28 27.93 -7.33 29.01
CA LYS C 28 28.17 -7.14 27.59
C LYS C 28 27.32 -8.03 26.68
N LYS C 29 27.07 -9.28 27.06
CA LYS C 29 26.28 -10.14 26.18
C LYS C 29 24.78 -10.09 26.46
N CYS C 30 24.37 -9.94 27.71
CA CYS C 30 22.95 -9.86 28.01
C CYS C 30 22.44 -8.47 27.67
N CYS C 31 23.36 -7.53 27.53
CA CYS C 31 23.01 -6.15 27.18
C CYS C 31 22.84 -6.05 25.68
N PHE C 32 23.31 -7.05 24.96
CA PHE C 32 23.23 -7.09 23.51
C PHE C 32 22.36 -8.22 23.03
N HIS C 33 21.39 -8.63 23.85
CA HIS C 33 20.49 -9.71 23.47
C HIS C 33 19.70 -9.31 22.23
N CYS C 34 18.89 -8.28 22.40
CA CYS C 34 18.04 -7.75 21.33
C CYS C 34 18.16 -6.23 21.29
N GLN C 35 17.22 -5.60 20.59
CA GLN C 35 17.23 -4.15 20.49
C GLN C 35 16.57 -3.48 21.71
N VAL C 36 15.89 -4.25 22.54
CA VAL C 36 15.25 -3.68 23.72
C VAL C 36 16.23 -3.72 24.88
N CYS C 37 16.97 -4.82 24.95
CA CYS C 37 17.96 -5.00 26.01
C CYS C 37 19.14 -4.07 25.82
N PHE C 38 19.40 -3.68 24.59
CA PHE C 38 20.50 -2.78 24.32
C PHE C 38 20.12 -1.33 24.63
N ILE C 39 18.88 -0.98 24.30
CA ILE C 39 18.40 0.37 24.55
C ILE C 39 18.19 0.56 26.04
N THR C 40 17.59 -0.43 26.68
CA THR C 40 17.31 -0.32 28.10
C THR C 40 18.52 -0.61 29.00
N LYS C 41 19.13 -1.78 28.83
CA LYS C 41 20.29 -2.18 29.64
C LYS C 41 21.55 -1.33 29.46
N ALA C 42 22.16 -1.41 28.28
CA ALA C 42 23.39 -0.68 27.94
C ALA C 42 23.30 0.86 27.94
N LEU C 43 22.22 1.42 27.41
CA LEU C 43 22.06 2.88 27.33
C LEU C 43 21.16 3.43 28.43
N GLY C 44 20.59 2.52 29.22
CA GLY C 44 19.72 2.88 30.33
C GLY C 44 18.52 3.73 30.00
N ILE C 45 17.77 3.35 28.96
CA ILE C 45 16.57 4.10 28.60
C ILE C 45 15.34 3.25 28.88
N SER C 46 14.31 3.89 29.44
CA SER C 46 13.07 3.21 29.77
C SER C 46 11.88 4.17 29.64
N TYR C 47 10.74 3.61 29.23
CA TYR C 47 9.53 4.39 29.01
C TYR C 47 8.64 4.62 30.23
N GLY C 48 8.67 3.65 31.16
CA GLY C 48 7.87 3.77 32.38
C GLY C 48 8.48 4.72 33.38
PG ANP D . -19.59 1.17 -5.61
O1G ANP D . -20.45 1.14 -6.85
O2G ANP D . -20.10 0.12 -4.67
O3G ANP D . -19.68 2.52 -4.96
PB ANP D . -16.99 1.19 -4.84
O1B ANP D . -17.64 1.26 -3.57
O2B ANP D . -16.00 0.13 -4.76
N3B ANP D . -18.05 0.86 -6.02
PA ANP D . -16.17 3.11 -6.62
O1A ANP D . -15.10 4.07 -6.75
O2A ANP D . -15.92 1.97 -7.54
O3A ANP D . -16.26 2.60 -5.11
O5' ANP D . -17.45 3.77 -6.96
C5' ANP D . -17.59 3.84 -8.21
C4' ANP D . -18.87 4.42 -8.63
O4' ANP D . -18.69 5.77 -8.17
C3' ANP D . -18.51 4.27 -10.05
O3' ANP D . -19.05 3.17 -10.76
C2' ANP D . -18.79 5.69 -10.58
O2' ANP D . -20.11 5.73 -11.11
C1' ANP D . -18.61 6.66 -9.35
N9 ANP D . -17.25 7.29 -9.34
C8 ANP D . -16.07 6.89 -8.70
N7 ANP D . -15.05 7.65 -8.90
C5 ANP D . -15.58 8.62 -9.73
C6 ANP D . -15.00 9.77 -10.33
N6 ANP D . -13.73 10.08 -10.17
N1 ANP D . -15.80 10.57 -11.12
C2 ANP D . -17.11 10.27 -11.31
N3 ANP D . -17.77 9.20 -10.79
C4 ANP D . -16.92 8.41 -9.99
MG MG E . -16.81 0.01 -8.03
ZN ZN F . 16.45 -8.99 25.00
ZN ZN G . 24.65 -12.51 31.05
#